data_6SCX
#
_entry.id   6SCX
#
_cell.length_a   229.859
_cell.length_b   229.859
_cell.length_c   159.012
_cell.angle_alpha   90.000
_cell.angle_beta   90.000
_cell.angle_gamma   120.000
#
_symmetry.space_group_name_H-M   'H 3 2'
#
loop_
_entity.id
_entity.type
_entity.pdbx_description
1 polymer 'Peroxisomal NADH pyrophosphatase NUDT12'
2 non-polymer 'CADMIUM ION'
3 non-polymer "7-METHYL-GUANOSINE-5'-TRIPHOSPHATE"
4 water water
#
_entity_poly.entity_id   1
_entity_poly.type   'polypeptide(L)'
_entity_poly.pdbx_seq_one_letter_code
;TNEVEECENYFSKTLLDRKSEKRNNSDWLLAKESHPATVFILFSDLNPLVTLGGNKESFQQPEVRLCQLNYTDIKDYLAQ
PEKITLIFLGVELEIKDKLLNYAGEVPREEEDGLVAWFALGIDPIAAEEFKQRHENCYFLHPPMPALLQLKEKEAGVVAQ
ARSVLAWHSRYKFCPTCGNATKIEEGGYKRLCLKEDCPSLNGVHNTSYPRVDPVVIMQVIHPDGTKCLLGRQKRFPPGMF
TCLAGFIEPGETIEDAVRREVEEESGVKVGHVQYVACQPWPMPSSLMIGCLALAVSTEIKVDKNEIEDARWFTREQVLDV
LTKGKQQAFFVPPSRAIAHQLIKHWIRINPNL
;
_entity_poly.pdbx_strand_id   A,B,C
#
loop_
_chem_comp.id
_chem_comp.type
_chem_comp.name
_chem_comp.formula
CD non-polymer 'CADMIUM ION' 'Cd 2'
MGP non-polymer 7-METHYL-GUANOSINE-5'-TRIPHOSPHATE 'C11 H19 N5 O14 P3 1'
#
# COMPACT_ATOMS: atom_id res chain seq x y z
N GLU A 5 4.19 -21.47 9.90
CA GLU A 5 3.57 -20.22 10.33
C GLU A 5 2.56 -19.68 9.34
N GLU A 6 1.43 -19.17 9.85
CA GLU A 6 0.31 -18.65 9.04
C GLU A 6 0.39 -17.12 9.08
N CYS A 7 1.03 -16.50 8.05
CA CYS A 7 1.27 -15.05 7.93
C CYS A 7 0.15 -14.21 8.56
N GLU A 8 0.52 -13.37 9.54
CA GLU A 8 -0.43 -12.53 10.27
C GLU A 8 -0.25 -11.04 10.08
N ASN A 9 0.99 -10.59 9.79
CA ASN A 9 1.31 -9.17 9.60
C ASN A 9 0.37 -8.51 8.63
N TYR A 10 -0.07 -7.28 8.96
CA TYR A 10 -1.00 -6.48 8.17
C TYR A 10 -0.83 -6.67 6.67
N PHE A 11 -1.95 -6.94 5.96
CA PHE A 11 -2.09 -7.23 4.53
C PHE A 11 -2.04 -8.73 4.24
N SER A 12 -1.75 -9.56 5.26
CA SER A 12 -1.68 -11.02 5.09
C SER A 12 -3.04 -11.69 5.10
N LYS A 13 -4.05 -11.03 5.69
CA LYS A 13 -5.40 -11.57 5.81
C LYS A 13 -6.31 -11.08 4.71
N THR A 14 -7.09 -11.99 4.11
CA THR A 14 -8.06 -11.65 3.07
C THR A 14 -9.43 -12.20 3.44
N LEU A 15 -10.46 -11.56 2.88
CA LEU A 15 -11.86 -11.90 3.03
C LEU A 15 -12.27 -12.80 1.86
N LEU A 16 -11.35 -12.98 0.88
CA LEU A 16 -11.62 -13.71 -0.36
C LEU A 16 -10.77 -14.95 -0.66
N ASP A 17 -11.24 -15.74 -1.62
CA ASP A 17 -10.59 -16.91 -2.18
C ASP A 17 -10.33 -16.45 -3.61
N ARG A 18 -9.06 -16.35 -4.00
CA ARG A 18 -8.64 -15.84 -5.30
C ARG A 18 -9.31 -16.54 -6.48
N LYS A 19 -9.57 -17.87 -6.37
CA LYS A 19 -10.25 -18.67 -7.40
C LYS A 19 -9.76 -18.31 -8.80
N SER A 20 -8.46 -18.53 -9.05
CA SER A 20 -7.83 -18.22 -10.32
C SER A 20 -8.36 -19.07 -11.48
N GLU A 21 -9.03 -20.19 -11.16
CA GLU A 21 -9.61 -21.07 -12.19
C GLU A 21 -10.73 -20.37 -12.95
N LYS A 22 -11.48 -19.49 -12.27
CA LYS A 22 -12.59 -18.74 -12.84
C LYS A 22 -12.13 -17.55 -13.69
N ARG A 23 -10.80 -17.28 -13.74
CA ARG A 23 -10.24 -16.16 -14.50
C ARG A 23 -10.37 -16.33 -16.00
N ASN A 24 -10.09 -17.53 -16.52
CA ASN A 24 -10.21 -17.81 -17.95
C ASN A 24 -11.60 -18.35 -18.30
N ASN A 25 -12.60 -18.05 -17.45
CA ASN A 25 -13.98 -18.47 -17.65
C ASN A 25 -14.82 -17.24 -17.97
N SER A 26 -14.60 -16.68 -19.18
CA SER A 26 -15.30 -15.48 -19.67
C SER A 26 -16.81 -15.56 -19.53
N ASP A 27 -17.40 -16.74 -19.78
CA ASP A 27 -18.85 -16.96 -19.66
C ASP A 27 -19.36 -16.75 -18.24
N TRP A 28 -18.57 -17.19 -17.24
CA TRP A 28 -18.89 -17.09 -15.84
C TRP A 28 -18.76 -15.66 -15.33
N LEU A 29 -17.61 -15.00 -15.59
CA LEU A 29 -17.33 -13.63 -15.16
C LEU A 29 -18.37 -12.64 -15.66
N LEU A 30 -18.79 -12.78 -16.93
CA LEU A 30 -19.79 -11.95 -17.57
C LEU A 30 -21.12 -12.01 -16.80
N ALA A 31 -21.54 -13.22 -16.37
CA ALA A 31 -22.78 -13.44 -15.62
C ALA A 31 -22.69 -12.83 -14.22
N LYS A 32 -21.54 -12.98 -13.55
CA LYS A 32 -21.31 -12.44 -12.20
C LYS A 32 -21.17 -10.93 -12.19
N GLU A 33 -20.76 -10.32 -13.32
CA GLU A 33 -20.63 -8.87 -13.44
C GLU A 33 -21.98 -8.17 -13.20
N SER A 34 -23.06 -8.74 -13.75
CA SER A 34 -24.42 -8.22 -13.65
C SER A 34 -25.22 -8.76 -12.46
N HIS A 35 -24.71 -9.82 -11.81
CA HIS A 35 -25.35 -10.45 -10.66
C HIS A 35 -25.50 -9.45 -9.50
N PRO A 36 -26.67 -9.41 -8.80
CA PRO A 36 -26.84 -8.45 -7.70
C PRO A 36 -25.96 -8.72 -6.48
N ALA A 37 -25.82 -10.01 -6.05
CA ALA A 37 -25.01 -10.39 -4.88
C ALA A 37 -23.54 -9.99 -4.97
N THR A 38 -23.02 -9.83 -6.21
CA THR A 38 -21.65 -9.43 -6.52
C THR A 38 -21.26 -8.11 -5.87
N VAL A 39 -20.09 -8.10 -5.20
CA VAL A 39 -19.54 -6.93 -4.53
C VAL A 39 -18.53 -6.21 -5.43
N PHE A 40 -18.59 -4.88 -5.45
CA PHE A 40 -17.69 -4.04 -6.22
C PHE A 40 -17.02 -3.03 -5.31
N ILE A 41 -15.72 -2.76 -5.57
CA ILE A 41 -14.95 -1.77 -4.83
C ILE A 41 -14.47 -0.72 -5.82
N LEU A 42 -14.70 0.55 -5.49
CA LEU A 42 -14.31 1.66 -6.34
C LEU A 42 -12.91 2.17 -6.00
N PHE A 43 -12.14 2.49 -7.04
CA PHE A 43 -10.79 3.01 -6.92
C PHE A 43 -10.56 4.21 -7.83
N SER A 44 -9.95 5.26 -7.29
CA SER A 44 -9.59 6.45 -8.06
C SER A 44 -8.14 6.73 -7.75
N ASP A 45 -7.27 6.59 -8.77
CA ASP A 45 -5.83 6.78 -8.64
C ASP A 45 -5.29 5.86 -7.53
N LEU A 46 -5.68 4.57 -7.58
CA LEU A 46 -5.27 3.52 -6.65
C LEU A 46 -5.73 3.77 -5.20
N ASN A 47 -6.76 4.63 -5.01
CA ASN A 47 -7.29 4.92 -3.68
C ASN A 47 -8.70 4.35 -3.56
N PRO A 48 -8.95 3.46 -2.59
CA PRO A 48 -10.28 2.85 -2.48
C PRO A 48 -11.34 3.74 -1.86
N LEU A 49 -12.59 3.54 -2.27
CA LEU A 49 -13.73 4.26 -1.72
C LEU A 49 -14.16 3.58 -0.44
N VAL A 50 -14.08 4.31 0.66
CA VAL A 50 -14.39 3.84 1.99
C VAL A 50 -15.43 4.71 2.70
N THR A 51 -16.34 4.07 3.44
CA THR A 51 -17.34 4.72 4.27
C THR A 51 -16.92 4.55 5.74
N LEU A 52 -17.82 4.89 6.67
CA LEU A 52 -17.54 4.82 8.09
C LEU A 52 -18.67 4.09 8.84
N GLY A 53 -18.38 2.89 9.32
CA GLY A 53 -19.32 2.05 10.04
C GLY A 53 -19.05 1.99 11.53
N LYS A 56 -22.73 1.12 12.44
CA LYS A 56 -23.22 0.34 13.58
C LYS A 56 -22.62 0.81 14.91
N GLU A 57 -21.66 1.76 14.84
CA GLU A 57 -21.02 2.33 16.03
C GLU A 57 -22.00 3.25 16.73
N SER A 58 -21.91 3.32 18.06
CA SER A 58 -22.77 4.18 18.87
C SER A 58 -21.91 5.06 19.76
N PHE A 59 -21.70 6.33 19.34
CA PHE A 59 -20.91 7.37 20.01
C PHE A 59 -19.39 7.20 19.88
N GLN A 60 -18.88 5.95 19.92
CA GLN A 60 -17.43 5.69 19.89
C GLN A 60 -16.79 6.01 18.56
N GLN A 61 -15.44 5.99 18.55
CA GLN A 61 -14.61 6.22 17.37
C GLN A 61 -15.03 5.21 16.29
N PRO A 62 -15.44 5.69 15.10
CA PRO A 62 -15.89 4.75 14.07
C PRO A 62 -14.76 4.20 13.21
N GLU A 63 -14.91 2.94 12.81
CA GLU A 63 -13.91 2.27 11.98
C GLU A 63 -14.18 2.47 10.50
N VAL A 64 -13.10 2.46 9.73
CA VAL A 64 -13.12 2.66 8.29
C VAL A 64 -13.44 1.34 7.59
N ARG A 65 -14.47 1.34 6.73
CA ARG A 65 -14.89 0.16 5.97
C ARG A 65 -15.03 0.52 4.50
N LEU A 66 -14.83 -0.44 3.60
CA LEU A 66 -14.94 -0.22 2.16
C LEU A 66 -16.41 -0.11 1.72
N CYS A 67 -16.75 1.01 1.04
CA CYS A 67 -18.07 1.31 0.47
C CYS A 67 -18.35 0.22 -0.61
N GLN A 68 -18.99 -0.89 -0.19
CA GLN A 68 -19.28 -2.07 -1.03
C GLN A 68 -20.40 -1.82 -2.03
N LEU A 69 -20.02 -1.47 -3.27
CA LEU A 69 -20.98 -1.17 -4.33
C LEU A 69 -21.60 -2.41 -4.97
N ASN A 70 -22.72 -2.21 -5.65
CA ASN A 70 -23.44 -3.27 -6.37
C ASN A 70 -23.61 -2.86 -7.82
N TYR A 71 -24.07 -3.79 -8.67
CA TYR A 71 -24.29 -3.55 -10.09
C TYR A 71 -25.23 -2.38 -10.34
N THR A 72 -26.25 -2.20 -9.48
CA THR A 72 -27.22 -1.11 -9.56
C THR A 72 -26.54 0.25 -9.66
N ASP A 73 -25.48 0.46 -8.86
CA ASP A 73 -24.75 1.72 -8.87
C ASP A 73 -23.78 1.83 -10.03
N ILE A 74 -22.94 0.81 -10.17
CA ILE A 74 -21.83 0.74 -11.11
C ILE A 74 -22.21 0.48 -12.58
N LYS A 75 -23.47 0.09 -12.87
CA LYS A 75 -23.91 -0.21 -14.24
C LYS A 75 -23.59 0.89 -15.25
N ASP A 76 -23.68 2.16 -14.83
CA ASP A 76 -23.41 3.32 -15.69
C ASP A 76 -21.94 3.41 -16.08
N TYR A 77 -21.02 3.25 -15.11
CA TYR A 77 -19.58 3.32 -15.33
C TYR A 77 -19.05 2.25 -16.27
N LEU A 78 -19.69 1.06 -16.27
CA LEU A 78 -19.29 -0.06 -17.12
C LEU A 78 -19.54 0.15 -18.60
N ALA A 79 -20.47 1.07 -18.96
CA ALA A 79 -20.80 1.41 -20.35
C ALA A 79 -19.62 2.00 -21.13
N GLN A 80 -18.59 2.52 -20.43
CA GLN A 80 -17.37 3.07 -21.03
C GLN A 80 -16.21 2.13 -20.68
N PRO A 81 -16.05 0.97 -21.36
CA PRO A 81 -14.96 0.04 -21.00
C PRO A 81 -13.56 0.55 -21.32
N GLU A 82 -13.45 1.54 -22.21
CA GLU A 82 -12.16 2.14 -22.56
C GLU A 82 -11.69 3.08 -21.44
N LYS A 83 -12.64 3.69 -20.70
CA LYS A 83 -12.34 4.64 -19.63
C LYS A 83 -12.23 4.01 -18.23
N ILE A 84 -12.39 2.68 -18.14
CA ILE A 84 -12.32 1.97 -16.85
C ILE A 84 -11.38 0.78 -16.89
N THR A 85 -11.14 0.19 -15.70
CA THR A 85 -10.29 -0.97 -15.51
C THR A 85 -10.96 -1.87 -14.46
N LEU A 86 -11.49 -3.02 -14.90
CA LEU A 86 -12.17 -3.96 -14.03
C LEU A 86 -11.33 -5.22 -13.78
N ILE A 87 -11.15 -5.56 -12.50
CA ILE A 87 -10.39 -6.73 -12.07
C ILE A 87 -11.23 -7.63 -11.18
N PHE A 88 -11.25 -8.93 -11.48
CA PHE A 88 -11.96 -9.91 -10.67
C PHE A 88 -11.04 -10.29 -9.51
N LEU A 89 -11.43 -9.94 -8.29
CA LEU A 89 -10.62 -10.23 -7.11
C LEU A 89 -10.73 -11.69 -6.68
N GLY A 90 -11.94 -12.15 -6.45
CA GLY A 90 -12.21 -13.51 -6.04
C GLY A 90 -13.59 -13.69 -5.46
N VAL A 91 -13.80 -14.84 -4.82
CA VAL A 91 -15.08 -15.17 -4.20
C VAL A 91 -14.93 -15.21 -2.67
N GLU A 92 -15.92 -14.65 -1.98
CA GLU A 92 -15.99 -14.54 -0.52
C GLU A 92 -15.89 -15.88 0.22
N LEU A 93 -15.39 -15.82 1.47
CA LEU A 93 -15.24 -16.96 2.37
C LEU A 93 -16.43 -16.97 3.31
N GLU A 94 -17.13 -18.11 3.38
CA GLU A 94 -18.30 -18.29 4.24
C GLU A 94 -18.55 -19.78 4.45
N ILE A 95 -17.67 -20.43 5.23
CA ILE A 95 -17.77 -21.87 5.50
C ILE A 95 -19.02 -22.25 6.29
N LYS A 96 -19.51 -21.34 7.14
CA LYS A 96 -20.70 -21.59 7.96
C LYS A 96 -21.98 -21.33 7.17
N ASP A 97 -22.95 -22.27 7.26
CA ASP A 97 -24.25 -22.21 6.59
C ASP A 97 -24.09 -21.96 5.09
N GLU A 111 -27.42 -22.47 -9.80
CA GLU A 111 -26.55 -21.30 -9.66
C GLU A 111 -25.52 -21.53 -8.56
N ASP A 112 -24.23 -21.39 -8.91
CA ASP A 112 -23.12 -21.54 -7.96
C ASP A 112 -23.10 -20.33 -7.03
N GLY A 113 -23.70 -20.51 -5.84
CA GLY A 113 -23.82 -19.47 -4.82
C GLY A 113 -22.50 -18.99 -4.25
N LEU A 114 -21.80 -18.13 -5.01
CA LEU A 114 -20.51 -17.57 -4.64
C LEU A 114 -20.58 -16.06 -4.74
N VAL A 115 -20.10 -15.37 -3.71
CA VAL A 115 -20.12 -13.91 -3.68
C VAL A 115 -18.89 -13.39 -4.41
N ALA A 116 -19.04 -13.08 -5.70
CA ALA A 116 -17.93 -12.57 -6.51
C ALA A 116 -17.59 -11.13 -6.12
N TRP A 117 -16.29 -10.83 -6.07
CA TRP A 117 -15.79 -9.51 -5.74
C TRP A 117 -14.97 -8.96 -6.90
N PHE A 118 -15.22 -7.69 -7.25
CA PHE A 118 -14.52 -7.02 -8.35
C PHE A 118 -13.92 -5.70 -7.87
N ALA A 119 -12.95 -5.19 -8.62
CA ALA A 119 -12.29 -3.91 -8.36
C ALA A 119 -12.44 -3.07 -9.61
N LEU A 120 -12.83 -1.80 -9.44
CA LEU A 120 -13.04 -0.89 -10.54
C LEU A 120 -12.27 0.41 -10.42
N GLY A 121 -11.40 0.66 -11.40
CA GLY A 121 -10.62 1.89 -11.50
C GLY A 121 -11.30 2.86 -12.43
N ILE A 122 -11.44 4.12 -12.01
CA ILE A 122 -12.11 5.15 -12.80
C ILE A 122 -11.33 6.44 -12.88
N ASP A 123 -11.71 7.30 -13.84
CA ASP A 123 -11.09 8.61 -14.05
C ASP A 123 -11.30 9.49 -12.83
N PRO A 124 -10.30 10.33 -12.45
CA PRO A 124 -10.50 11.25 -11.31
C PRO A 124 -11.54 12.33 -11.64
N ILE A 125 -11.89 12.48 -12.92
CA ILE A 125 -12.88 13.44 -13.41
C ILE A 125 -14.27 12.88 -13.10
N ALA A 126 -14.45 11.56 -13.33
CA ALA A 126 -15.70 10.86 -13.05
C ALA A 126 -15.78 10.41 -11.59
N ALA A 127 -14.64 10.37 -10.88
CA ALA A 127 -14.58 9.95 -9.48
C ALA A 127 -15.13 11.00 -8.54
N GLU A 128 -14.69 12.27 -8.68
CA GLU A 128 -15.20 13.37 -7.86
C GLU A 128 -16.69 13.61 -8.12
N GLU A 129 -17.19 13.14 -9.28
CA GLU A 129 -18.59 13.21 -9.66
C GLU A 129 -19.34 12.17 -8.82
N PHE A 130 -18.74 10.98 -8.65
CA PHE A 130 -19.30 9.89 -7.86
C PHE A 130 -19.25 10.23 -6.37
N LYS A 131 -18.13 10.83 -5.90
CA LYS A 131 -17.93 11.23 -4.50
C LYS A 131 -19.03 12.17 -4.02
N GLN A 132 -19.55 13.03 -4.93
CA GLN A 132 -20.64 13.96 -4.63
C GLN A 132 -21.94 13.23 -4.35
N ARG A 133 -22.22 12.15 -5.12
CA ARG A 133 -23.42 11.34 -4.94
C ARG A 133 -23.31 10.49 -3.68
N HIS A 134 -22.09 9.97 -3.40
CA HIS A 134 -21.83 9.12 -2.24
C HIS A 134 -22.06 9.86 -0.94
N GLU A 135 -21.45 11.07 -0.78
CA GLU A 135 -21.56 11.96 0.39
C GLU A 135 -20.99 11.33 1.68
N ASN A 136 -21.39 10.09 2.01
CA ASN A 136 -20.92 9.36 3.18
C ASN A 136 -19.69 8.54 2.85
N CYS A 137 -19.57 8.02 1.61
CA CYS A 137 -18.39 7.29 1.19
C CYS A 137 -17.35 8.32 0.71
N TYR A 138 -16.06 8.03 0.91
CA TYR A 138 -14.93 8.89 0.51
C TYR A 138 -13.70 8.06 0.17
N PHE A 139 -12.78 8.63 -0.62
CA PHE A 139 -11.57 7.94 -1.03
C PHE A 139 -10.45 8.03 0.00
N LEU A 140 -9.93 6.87 0.40
CA LEU A 140 -8.86 6.74 1.37
C LEU A 140 -7.49 7.09 0.76
N HIS A 141 -7.15 8.38 0.83
CA HIS A 141 -5.87 8.89 0.33
C HIS A 141 -5.23 9.78 1.42
N PRO A 142 -3.89 9.84 1.56
CA PRO A 142 -2.85 9.16 0.76
C PRO A 142 -2.70 7.68 1.16
N PRO A 143 -2.05 6.84 0.33
CA PRO A 143 -1.88 5.43 0.71
C PRO A 143 -1.14 5.23 2.03
N MET A 144 -0.29 6.21 2.40
CA MET A 144 0.48 6.17 3.64
C MET A 144 0.21 7.38 4.53
N PRO A 145 -0.19 7.18 5.80
CA PRO A 145 -0.46 5.91 6.49
C PRO A 145 -1.92 5.44 6.43
N ALA A 146 -2.79 6.17 5.69
CA ALA A 146 -4.23 5.91 5.62
C ALA A 146 -4.62 4.45 5.41
N LEU A 147 -3.89 3.72 4.54
CA LEU A 147 -4.19 2.30 4.29
C LEU A 147 -4.03 1.39 5.51
N LEU A 148 -3.36 1.87 6.58
CA LEU A 148 -3.19 1.09 7.80
C LEU A 148 -4.41 1.14 8.71
N GLN A 149 -5.46 1.87 8.31
CA GLN A 149 -6.68 2.04 9.10
C GLN A 149 -7.70 0.92 8.92
N LEU A 150 -7.73 0.29 7.73
CA LEU A 150 -8.69 -0.76 7.38
C LEU A 150 -8.67 -1.96 8.33
N LYS A 151 -9.74 -2.78 8.24
CA LYS A 151 -9.88 -3.98 9.03
C LYS A 151 -8.88 -5.01 8.51
N GLU A 152 -8.43 -5.93 9.40
CA GLU A 152 -7.47 -6.97 9.08
C GLU A 152 -7.77 -7.71 7.77
N LYS A 153 -8.99 -8.25 7.63
CA LYS A 153 -9.39 -8.99 6.45
C LYS A 153 -9.66 -8.11 5.23
N GLU A 154 -10.02 -6.84 5.44
CA GLU A 154 -10.25 -5.93 4.34
C GLU A 154 -8.92 -5.51 3.73
N ALA A 155 -7.88 -5.36 4.58
CA ALA A 155 -6.51 -4.97 4.20
C ALA A 155 -5.97 -5.76 3.01
N GLY A 156 -5.94 -7.09 3.12
CA GLY A 156 -5.46 -7.98 2.06
C GLY A 156 -6.17 -7.81 0.74
N VAL A 157 -7.50 -7.59 0.81
CA VAL A 157 -8.35 -7.37 -0.36
C VAL A 157 -7.93 -6.07 -1.08
N VAL A 158 -7.52 -5.06 -0.30
CA VAL A 158 -7.04 -3.79 -0.84
C VAL A 158 -5.64 -4.01 -1.39
N ALA A 159 -4.77 -4.74 -0.64
CA ALA A 159 -3.41 -5.05 -1.05
C ALA A 159 -3.39 -5.73 -2.41
N GLN A 160 -4.28 -6.73 -2.61
CA GLN A 160 -4.45 -7.45 -3.86
C GLN A 160 -4.96 -6.51 -4.95
N ALA A 161 -6.01 -5.72 -4.65
CA ALA A 161 -6.63 -4.79 -5.60
C ALA A 161 -5.71 -3.69 -6.07
N ARG A 162 -5.15 -2.90 -5.12
CA ARG A 162 -4.23 -1.80 -5.41
C ARG A 162 -3.04 -2.27 -6.26
N SER A 163 -2.42 -3.40 -5.87
CA SER A 163 -1.26 -3.96 -6.56
C SER A 163 -1.54 -4.26 -8.03
N VAL A 164 -2.67 -4.93 -8.33
CA VAL A 164 -3.04 -5.30 -9.70
C VAL A 164 -3.41 -4.08 -10.52
N LEU A 165 -4.21 -3.15 -9.94
CA LEU A 165 -4.60 -1.92 -10.62
C LEU A 165 -3.40 -1.07 -10.94
N ALA A 166 -2.40 -1.03 -10.03
CA ALA A 166 -1.17 -0.27 -10.23
C ALA A 166 -0.36 -0.83 -11.40
N TRP A 167 -0.42 -2.15 -11.62
CA TRP A 167 0.25 -2.80 -12.74
C TRP A 167 -0.39 -2.35 -14.06
N HIS A 168 -1.74 -2.34 -14.12
CA HIS A 168 -2.47 -1.91 -15.31
C HIS A 168 -2.26 -0.44 -15.62
N SER A 169 -2.22 0.42 -14.58
CA SER A 169 -2.03 1.85 -14.74
C SER A 169 -0.66 2.25 -15.27
N ARG A 170 0.39 1.44 -15.02
CA ARG A 170 1.75 1.77 -15.43
C ARG A 170 2.38 0.80 -16.44
N TYR A 171 1.66 -0.26 -16.84
CA TYR A 171 2.14 -1.22 -17.83
C TYR A 171 1.17 -1.31 -18.99
N LYS A 172 0.61 -0.15 -19.38
CA LYS A 172 -0.35 0.00 -20.47
C LYS A 172 0.21 -0.44 -21.82
N PHE A 173 1.55 -0.40 -21.98
CA PHE A 173 2.23 -0.75 -23.22
C PHE A 173 3.11 -1.99 -23.06
N CYS A 174 3.50 -2.57 -24.21
CA CYS A 174 4.37 -3.73 -24.26
C CYS A 174 5.83 -3.26 -24.17
N PRO A 175 6.61 -3.70 -23.16
CA PRO A 175 8.01 -3.24 -23.06
C PRO A 175 8.93 -3.83 -24.13
N THR A 176 8.52 -4.94 -24.76
CA THR A 176 9.32 -5.60 -25.80
C THR A 176 9.36 -4.79 -27.10
N CYS A 177 8.18 -4.35 -27.58
CA CYS A 177 8.06 -3.64 -28.86
C CYS A 177 7.52 -2.21 -28.75
N GLY A 178 6.85 -1.90 -27.64
CA GLY A 178 6.29 -0.57 -27.43
C GLY A 178 4.83 -0.40 -27.75
N ASN A 179 4.23 -1.35 -28.50
CA ASN A 179 2.81 -1.29 -28.88
C ASN A 179 1.88 -1.49 -27.70
N ALA A 180 0.64 -0.99 -27.82
CA ALA A 180 -0.40 -1.10 -26.80
C ALA A 180 -0.78 -2.55 -26.48
N THR A 181 -1.33 -2.77 -25.29
CA THR A 181 -1.71 -4.09 -24.81
C THR A 181 -3.17 -4.21 -24.41
N LYS A 182 -3.73 -5.41 -24.60
CA LYS A 182 -5.11 -5.77 -24.27
C LYS A 182 -5.15 -6.47 -22.91
N ILE A 183 -6.15 -6.14 -22.09
CA ILE A 183 -6.35 -6.74 -20.77
C ILE A 183 -7.12 -8.05 -20.95
N GLU A 184 -6.66 -9.12 -20.30
CA GLU A 184 -7.31 -10.42 -20.39
C GLU A 184 -7.17 -11.23 -19.11
N GLU A 185 -7.81 -12.42 -19.10
CA GLU A 185 -7.80 -13.38 -18.00
C GLU A 185 -8.29 -12.76 -16.68
N GLY A 186 -9.36 -11.96 -16.77
CA GLY A 186 -9.96 -11.26 -15.65
C GLY A 186 -9.12 -10.16 -15.03
N GLY A 187 -8.09 -9.71 -15.75
CA GLY A 187 -7.20 -8.65 -15.30
C GLY A 187 -5.90 -9.10 -14.68
N TYR A 188 -5.45 -10.33 -15.00
CA TYR A 188 -4.20 -10.90 -14.50
C TYR A 188 -3.25 -11.25 -15.64
N LYS A 189 -3.49 -10.65 -16.81
CA LYS A 189 -2.70 -10.84 -18.02
C LYS A 189 -2.86 -9.65 -18.94
N ARG A 190 -1.86 -9.41 -19.78
CA ARG A 190 -1.84 -8.34 -20.78
C ARG A 190 -1.18 -8.87 -22.04
N LEU A 191 -1.91 -8.79 -23.17
CA LEU A 191 -1.43 -9.29 -24.45
C LEU A 191 -1.09 -8.18 -25.41
N CYS A 192 0.06 -8.30 -26.10
CA CYS A 192 0.50 -7.35 -27.10
C CYS A 192 -0.32 -7.54 -28.37
N LEU A 193 -0.73 -6.42 -28.99
CA LEU A 193 -1.55 -6.45 -30.19
C LEU A 193 -0.75 -6.53 -31.50
N LYS A 194 0.58 -6.33 -31.43
CA LYS A 194 1.45 -6.44 -32.61
C LYS A 194 1.68 -7.93 -32.84
N GLU A 195 1.16 -8.45 -33.94
CA GLU A 195 1.21 -9.89 -34.30
C GLU A 195 2.61 -10.52 -34.23
N ASP A 196 3.59 -9.87 -34.87
CA ASP A 196 4.97 -10.37 -34.94
C ASP A 196 5.80 -10.19 -33.66
N CYS A 197 5.20 -9.61 -32.60
CA CYS A 197 5.89 -9.39 -31.32
C CYS A 197 6.40 -10.71 -30.71
N PRO A 198 7.66 -10.74 -30.21
CA PRO A 198 8.20 -11.96 -29.60
C PRO A 198 7.55 -12.34 -28.26
N SER A 199 6.81 -11.42 -27.61
CA SER A 199 6.13 -11.71 -26.33
C SER A 199 5.01 -12.73 -26.51
N LEU A 200 4.39 -12.75 -27.71
CA LEU A 200 3.31 -13.68 -28.05
C LEU A 200 3.84 -15.06 -28.40
N ASN A 201 5.16 -15.19 -28.57
CA ASN A 201 5.81 -16.46 -28.89
C ASN A 201 6.42 -17.02 -27.61
N GLY A 202 5.63 -17.77 -26.88
CA GLY A 202 6.03 -18.37 -25.61
C GLY A 202 5.41 -17.67 -24.42
N VAL A 203 5.92 -18.00 -23.23
CA VAL A 203 5.42 -17.46 -21.97
C VAL A 203 6.49 -16.60 -21.34
N HIS A 204 6.23 -15.30 -21.24
CA HIS A 204 7.18 -14.33 -20.69
C HIS A 204 6.55 -13.53 -19.55
N ASN A 205 7.41 -12.97 -18.67
CA ASN A 205 6.98 -12.15 -17.54
C ASN A 205 6.34 -10.84 -17.96
N THR A 206 6.61 -10.37 -19.21
CA THR A 206 6.02 -9.13 -19.74
C THR A 206 4.50 -9.16 -19.69
N SER A 207 3.88 -10.34 -19.88
CA SER A 207 2.44 -10.50 -19.90
C SER A 207 1.79 -10.55 -18.52
N TYR A 208 2.53 -10.99 -17.49
CA TYR A 208 1.97 -11.18 -16.15
C TYR A 208 2.25 -10.03 -15.17
N PRO A 209 1.48 -9.95 -14.06
CA PRO A 209 1.69 -8.85 -13.09
C PRO A 209 2.98 -8.97 -12.29
N ARG A 210 3.52 -7.80 -11.91
CA ARG A 210 4.77 -7.69 -11.18
C ARG A 210 4.62 -7.81 -9.66
N VAL A 211 5.60 -8.46 -9.03
CA VAL A 211 5.72 -8.65 -7.59
C VAL A 211 7.19 -8.37 -7.30
N ASP A 212 7.46 -7.28 -6.59
CA ASP A 212 8.83 -6.88 -6.29
C ASP A 212 9.32 -7.42 -4.94
N PRO A 213 10.28 -8.37 -4.93
CA PRO A 213 10.74 -8.93 -3.66
C PRO A 213 11.68 -7.99 -2.92
N VAL A 214 11.40 -7.77 -1.63
CA VAL A 214 12.19 -6.89 -0.76
C VAL A 214 12.56 -7.69 0.48
N VAL A 215 13.80 -7.53 0.92
CA VAL A 215 14.29 -8.16 2.14
C VAL A 215 14.37 -7.09 3.20
N ILE A 216 13.82 -7.36 4.40
CA ILE A 216 13.86 -6.48 5.56
C ILE A 216 14.49 -7.30 6.67
N MET A 217 15.56 -6.77 7.26
CA MET A 217 16.37 -7.51 8.22
C MET A 217 16.61 -6.84 9.56
N GLN A 218 16.51 -7.65 10.62
CA GLN A 218 16.80 -7.21 11.98
C GLN A 218 18.19 -7.76 12.32
N VAL A 219 19.20 -6.87 12.24
CA VAL A 219 20.61 -7.22 12.46
C VAL A 219 20.99 -7.11 13.93
N ILE A 220 21.50 -8.22 14.49
CA ILE A 220 21.88 -8.31 15.89
C ILE A 220 23.39 -8.21 16.06
N HIS A 221 23.82 -7.40 17.04
CA HIS A 221 25.21 -7.18 17.41
C HIS A 221 25.89 -8.50 17.77
N PRO A 222 27.21 -8.66 17.50
CA PRO A 222 27.89 -9.92 17.85
C PRO A 222 27.78 -10.34 19.32
N ASP A 223 27.51 -9.40 20.24
CA ASP A 223 27.35 -9.71 21.66
C ASP A 223 25.87 -9.99 22.02
N GLY A 224 24.98 -9.84 21.04
CA GLY A 224 23.54 -10.08 21.16
C GLY A 224 22.73 -9.11 22.00
N THR A 225 23.37 -8.10 22.60
CA THR A 225 22.68 -7.13 23.46
C THR A 225 22.15 -5.92 22.69
N LYS A 226 22.64 -5.71 21.45
CA LYS A 226 22.25 -4.58 20.63
C LYS A 226 21.72 -5.03 19.27
N CYS A 227 21.05 -4.12 18.56
CA CYS A 227 20.52 -4.34 17.23
C CYS A 227 20.70 -3.09 16.38
N LEU A 228 20.89 -3.28 15.07
CA LEU A 228 21.14 -2.19 14.14
C LEU A 228 19.86 -1.68 13.51
N LEU A 229 19.67 -0.35 13.54
CA LEU A 229 18.53 0.34 12.95
C LEU A 229 19.03 1.60 12.25
N GLY A 230 18.37 1.97 11.16
CA GLY A 230 18.76 3.13 10.38
C GLY A 230 17.61 3.90 9.76
N ARG A 231 17.93 4.97 9.05
CA ARG A 231 16.94 5.84 8.40
C ARG A 231 17.47 6.54 7.17
N GLN A 232 16.57 6.79 6.21
CA GLN A 232 16.89 7.53 4.98
C GLN A 232 16.60 9.01 5.29
N LYS A 233 16.77 9.89 4.30
CA LYS A 233 16.49 11.31 4.46
C LYS A 233 14.98 11.57 4.52
N ARG A 234 14.21 10.86 3.67
CA ARG A 234 12.76 11.00 3.57
C ARG A 234 12.01 10.58 4.83
N PHE A 235 12.54 9.59 5.55
CA PHE A 235 11.97 9.06 6.79
C PHE A 235 11.61 10.15 7.80
N PRO A 236 10.48 10.02 8.53
CA PRO A 236 10.10 11.06 9.50
C PRO A 236 11.18 11.31 10.55
N PRO A 237 11.33 12.58 11.01
CA PRO A 237 12.38 12.89 12.00
C PRO A 237 12.38 12.04 13.26
N GLY A 238 13.57 11.55 13.62
CA GLY A 238 13.82 10.74 14.80
C GLY A 238 13.31 9.31 14.75
N MET A 239 12.89 8.83 13.57
CA MET A 239 12.40 7.46 13.44
C MET A 239 13.43 6.54 12.82
N PHE A 240 13.75 5.44 13.51
CA PHE A 240 14.69 4.42 13.07
C PHE A 240 13.95 3.12 12.87
N THR A 241 14.29 2.41 11.80
CA THR A 241 13.65 1.15 11.41
C THR A 241 14.70 0.11 10.99
N CYS A 242 14.24 -1.09 10.68
CA CYS A 242 15.06 -2.18 10.17
C CYS A 242 15.56 -1.79 8.78
N LEU A 243 16.78 -2.26 8.44
CA LEU A 243 17.40 -2.01 7.15
C LEU A 243 16.75 -2.91 6.12
N ALA A 244 16.48 -2.36 4.92
CA ALA A 244 15.83 -3.12 3.86
C ALA A 244 16.35 -2.74 2.48
N GLY A 245 16.10 -3.62 1.53
CA GLY A 245 16.49 -3.44 0.13
C GLY A 245 15.87 -4.44 -0.80
N PHE A 246 15.86 -4.10 -2.09
CA PHE A 246 15.31 -4.96 -3.14
C PHE A 246 16.27 -6.07 -3.50
N ILE A 247 15.75 -7.29 -3.69
CA ILE A 247 16.56 -8.44 -4.08
C ILE A 247 16.98 -8.25 -5.53
N GLU A 248 18.29 -8.33 -5.76
CA GLU A 248 18.89 -8.20 -7.08
C GLU A 248 18.55 -9.40 -7.96
N PRO A 249 18.55 -9.24 -9.32
CA PRO A 249 18.28 -10.39 -10.19
C PRO A 249 19.43 -11.39 -10.09
N GLY A 250 19.09 -12.66 -9.94
CA GLY A 250 20.04 -13.76 -9.80
C GLY A 250 20.67 -13.83 -8.42
N GLU A 251 20.01 -13.21 -7.43
CA GLU A 251 20.47 -13.16 -6.04
C GLU A 251 19.48 -13.86 -5.13
N THR A 252 20.01 -14.49 -4.07
CA THR A 252 19.20 -15.18 -3.07
C THR A 252 18.73 -14.25 -1.97
N ILE A 253 17.68 -14.68 -1.25
CA ILE A 253 17.10 -13.96 -0.11
C ILE A 253 18.19 -13.67 0.92
N GLU A 254 18.90 -14.73 1.38
CA GLU A 254 19.95 -14.62 2.40
C GLU A 254 21.12 -13.74 2.00
N ASP A 255 21.57 -13.85 0.73
CA ASP A 255 22.70 -13.06 0.24
C ASP A 255 22.33 -11.60 -0.04
N ALA A 256 21.04 -11.31 -0.27
CA ALA A 256 20.57 -9.93 -0.47
C ALA A 256 20.57 -9.20 0.87
N VAL A 257 20.37 -9.96 1.98
CA VAL A 257 20.41 -9.43 3.34
C VAL A 257 21.85 -9.06 3.66
N ARG A 258 22.79 -10.02 3.41
CA ARG A 258 24.23 -9.83 3.63
C ARG A 258 24.78 -8.67 2.82
N ARG A 259 24.21 -8.43 1.63
CA ARG A 259 24.61 -7.35 0.74
C ARG A 259 24.20 -5.98 1.27
N GLU A 260 22.87 -5.73 1.36
CA GLU A 260 22.30 -4.45 1.77
C GLU A 260 22.82 -3.92 3.08
N VAL A 261 22.99 -4.78 4.10
CA VAL A 261 23.51 -4.34 5.40
C VAL A 261 24.94 -3.80 5.27
N GLU A 262 25.79 -4.51 4.52
CA GLU A 262 27.17 -4.09 4.30
C GLU A 262 27.21 -2.86 3.41
N GLU A 263 26.33 -2.80 2.39
CA GLU A 263 26.29 -1.66 1.48
C GLU A 263 25.88 -0.36 2.15
N GLU A 264 24.80 -0.40 2.95
CA GLU A 264 24.31 0.78 3.64
C GLU A 264 25.13 1.16 4.86
N SER A 265 25.27 0.22 5.82
CA SER A 265 25.94 0.46 7.08
C SER A 265 27.40 0.07 7.17
N GLY A 266 27.87 -0.81 6.29
CA GLY A 266 29.25 -1.29 6.35
C GLY A 266 29.46 -2.36 7.40
N VAL A 267 28.36 -3.01 7.83
CA VAL A 267 28.39 -4.07 8.83
C VAL A 267 28.30 -5.41 8.12
N LYS A 268 29.29 -6.28 8.37
CA LYS A 268 29.36 -7.63 7.79
C LYS A 268 28.40 -8.56 8.52
N VAL A 269 27.61 -9.33 7.77
CA VAL A 269 26.58 -10.22 8.30
C VAL A 269 26.96 -11.70 8.23
N GLY A 270 26.63 -12.43 9.29
CA GLY A 270 26.85 -13.86 9.40
C GLY A 270 25.62 -14.64 8.98
N HIS A 271 24.99 -15.32 9.97
CA HIS A 271 23.80 -16.13 9.75
C HIS A 271 22.57 -15.27 9.47
N VAL A 272 21.77 -15.67 8.47
CA VAL A 272 20.55 -14.97 8.07
C VAL A 272 19.39 -15.96 8.12
N GLN A 273 18.50 -15.77 9.10
CA GLN A 273 17.35 -16.61 9.35
C GLN A 273 16.06 -15.91 8.93
N TYR A 274 15.26 -16.57 8.07
CA TYR A 274 13.98 -16.03 7.62
C TYR A 274 12.99 -16.08 8.79
N VAL A 275 12.17 -15.02 8.93
CA VAL A 275 11.20 -14.95 10.02
C VAL A 275 9.77 -14.73 9.52
N ALA A 276 9.52 -13.69 8.70
CA ALA A 276 8.14 -13.42 8.32
C ALA A 276 7.93 -12.90 6.91
N CYS A 277 6.65 -12.92 6.52
CA CYS A 277 6.03 -12.54 5.25
C CYS A 277 5.16 -11.31 5.49
N GLN A 278 5.27 -10.28 4.64
CA GLN A 278 4.39 -9.11 4.71
C GLN A 278 4.21 -8.44 3.36
N PRO A 279 3.01 -8.53 2.73
CA PRO A 279 2.82 -7.81 1.46
C PRO A 279 2.82 -6.31 1.70
N TRP A 280 3.37 -5.56 0.74
CA TRP A 280 3.48 -4.11 0.82
C TRP A 280 2.92 -3.52 -0.47
N PRO A 281 1.64 -3.09 -0.47
CA PRO A 281 1.05 -2.60 -1.71
C PRO A 281 1.45 -1.17 -2.04
N MET A 282 2.75 -0.95 -2.26
CA MET A 282 3.29 0.36 -2.58
C MET A 282 4.20 0.40 -3.81
N PRO A 283 3.75 -0.03 -5.01
CA PRO A 283 2.44 -0.59 -5.38
C PRO A 283 2.37 -2.12 -5.24
N SER A 284 3.48 -2.81 -5.55
CA SER A 284 3.61 -4.25 -5.46
C SER A 284 4.98 -4.55 -4.91
N SER A 285 5.01 -5.14 -3.71
CA SER A 285 6.22 -5.51 -3.00
C SER A 285 5.91 -6.59 -1.99
N LEU A 286 6.89 -7.46 -1.73
CA LEU A 286 6.74 -8.53 -0.76
C LEU A 286 7.89 -8.47 0.21
N MET A 287 7.62 -8.01 1.43
CA MET A 287 8.61 -7.89 2.49
C MET A 287 8.96 -9.27 3.02
N ILE A 288 10.24 -9.62 2.97
CA ILE A 288 10.75 -10.91 3.42
C ILE A 288 11.60 -10.64 4.66
N GLY A 289 10.93 -10.63 5.81
CA GLY A 289 11.53 -10.40 7.12
C GLY A 289 12.55 -11.44 7.54
N CYS A 290 13.74 -10.99 7.93
CA CYS A 290 14.83 -11.86 8.37
C CYS A 290 15.47 -11.38 9.67
N LEU A 291 15.93 -12.32 10.49
CA LEU A 291 16.65 -12.08 11.73
C LEU A 291 18.09 -12.50 11.43
N ALA A 292 18.98 -11.50 11.36
CA ALA A 292 20.38 -11.69 11.01
C ALA A 292 21.35 -11.40 12.15
N LEU A 293 22.45 -12.18 12.23
CA LEU A 293 23.50 -12.01 13.23
C LEU A 293 24.70 -11.36 12.57
N ALA A 294 25.10 -10.16 13.02
CA ALA A 294 26.24 -9.43 12.48
C ALA A 294 27.55 -10.00 13.02
N VAL A 295 28.61 -9.87 12.23
CA VAL A 295 29.95 -10.37 12.58
C VAL A 295 30.95 -9.24 12.81
N SER A 296 30.54 -7.98 12.56
CA SER A 296 31.38 -6.81 12.76
C SER A 296 30.67 -5.82 13.69
N THR A 297 31.37 -4.75 14.11
CA THR A 297 30.81 -3.75 15.02
C THR A 297 30.89 -2.33 14.49
N GLU A 298 31.83 -2.04 13.60
CA GLU A 298 32.01 -0.69 13.05
C GLU A 298 30.96 -0.36 12.02
N ILE A 299 30.46 0.89 12.03
CA ILE A 299 29.46 1.37 11.10
C ILE A 299 30.09 2.45 10.20
N LYS A 300 29.93 2.30 8.88
CA LYS A 300 30.39 3.24 7.87
C LYS A 300 29.19 3.58 6.99
N VAL A 301 28.35 4.52 7.45
CA VAL A 301 27.13 4.96 6.77
C VAL A 301 27.44 5.44 5.35
N ASP A 302 26.61 4.97 4.38
CA ASP A 302 26.79 5.32 2.98
C ASP A 302 26.49 6.78 2.68
N LYS A 303 25.43 7.35 3.27
CA LYS A 303 24.98 8.73 3.05
C LYS A 303 24.26 8.88 1.72
N ASN A 304 24.55 7.99 0.75
CA ASN A 304 23.90 7.98 -0.57
C ASN A 304 22.70 7.04 -0.56
N GLU A 305 22.60 6.19 0.49
CA GLU A 305 21.51 5.23 0.65
C GLU A 305 20.82 5.37 2.00
N ILE A 306 21.59 5.71 3.05
CA ILE A 306 21.10 5.87 4.41
C ILE A 306 21.73 7.13 5.02
N GLU A 307 20.94 7.95 5.72
CA GLU A 307 21.50 9.14 6.35
C GLU A 307 22.21 8.82 7.69
N ASP A 308 21.67 7.85 8.45
CA ASP A 308 22.28 7.44 9.72
C ASP A 308 21.89 6.04 10.12
N ALA A 309 22.84 5.33 10.75
CA ALA A 309 22.66 3.99 11.28
C ALA A 309 23.33 3.94 12.65
N ARG A 310 22.70 3.23 13.59
CA ARG A 310 23.22 3.11 14.95
C ARG A 310 22.88 1.78 15.59
N TRP A 311 23.64 1.42 16.64
CA TRP A 311 23.39 0.23 17.44
C TRP A 311 22.53 0.68 18.60
N PHE A 312 21.37 0.03 18.78
CA PHE A 312 20.44 0.36 19.86
C PHE A 312 20.36 -0.80 20.81
N THR A 313 20.58 -0.55 22.11
CA THR A 313 20.55 -1.58 23.14
C THR A 313 19.13 -2.10 23.32
N ARG A 314 18.99 -3.32 23.86
CA ARG A 314 17.69 -3.93 24.10
C ARG A 314 16.82 -3.09 25.04
N GLU A 315 17.45 -2.38 26.01
CA GLU A 315 16.73 -1.50 26.92
C GLU A 315 16.15 -0.33 26.13
N GLN A 316 16.96 0.31 25.26
CA GLN A 316 16.52 1.42 24.40
C GLN A 316 15.31 1.03 23.57
N VAL A 317 15.32 -0.20 23.03
CA VAL A 317 14.25 -0.75 22.21
C VAL A 317 13.01 -1.06 23.04
N LEU A 318 13.19 -1.73 24.20
CA LEU A 318 12.10 -2.06 25.13
C LEU A 318 11.35 -0.80 25.55
N ASP A 319 12.08 0.32 25.74
CA ASP A 319 11.48 1.61 26.10
C ASP A 319 10.57 2.09 24.99
N VAL A 320 11.01 1.97 23.73
CA VAL A 320 10.25 2.39 22.55
C VAL A 320 9.00 1.53 22.34
N LEU A 321 9.14 0.20 22.44
CA LEU A 321 8.03 -0.72 22.25
C LEU A 321 6.95 -0.60 23.33
N THR A 322 7.30 -0.04 24.49
CA THR A 322 6.36 0.19 25.57
C THR A 322 5.92 1.66 25.50
N LYS A 323 6.59 2.55 26.25
CA LYS A 323 6.30 4.00 26.25
C LYS A 323 7.47 4.76 26.86
N GLY A 324 8.44 5.09 26.02
CA GLY A 324 9.64 5.84 26.42
C GLY A 324 9.35 7.25 26.87
N GLN A 327 11.59 8.81 24.90
CA GLN A 327 12.81 8.41 24.21
C GLN A 327 13.16 9.36 23.06
N ALA A 328 14.44 9.38 22.66
CA ALA A 328 14.94 10.22 21.57
C ALA A 328 14.71 9.63 20.17
N PHE A 329 14.05 8.45 20.10
CA PHE A 329 13.75 7.79 18.84
C PHE A 329 12.50 6.95 18.95
N PHE A 330 11.95 6.55 17.80
CA PHE A 330 10.77 5.71 17.73
C PHE A 330 10.84 4.83 16.50
N VAL A 331 10.14 3.70 16.56
CA VAL A 331 10.13 2.72 15.50
C VAL A 331 8.81 2.76 14.72
N PRO A 332 8.67 2.01 13.60
CA PRO A 332 7.39 2.04 12.86
C PRO A 332 6.22 1.46 13.65
N PRO A 333 4.96 1.69 13.19
CA PRO A 333 3.81 1.11 13.90
C PRO A 333 3.81 -0.41 13.81
N SER A 334 3.02 -1.05 14.68
CA SER A 334 2.86 -2.51 14.76
C SER A 334 2.32 -3.14 13.48
N ARG A 335 1.64 -2.35 12.62
CA ARG A 335 1.10 -2.86 11.35
C ARG A 335 2.16 -2.85 10.22
N ALA A 336 3.43 -2.55 10.58
CA ALA A 336 4.57 -2.58 9.66
C ALA A 336 5.48 -3.71 10.12
N ILE A 337 5.94 -4.55 9.17
CA ILE A 337 6.80 -5.71 9.45
C ILE A 337 8.01 -5.36 10.30
N ALA A 338 8.68 -4.22 10.01
CA ALA A 338 9.86 -3.76 10.75
C ALA A 338 9.64 -3.85 12.24
N HIS A 339 8.48 -3.36 12.72
CA HIS A 339 8.08 -3.37 14.12
C HIS A 339 8.00 -4.80 14.67
N GLN A 340 7.47 -5.74 13.87
CA GLN A 340 7.30 -7.13 14.28
C GLN A 340 8.62 -7.89 14.42
N LEU A 341 9.63 -7.57 13.57
CA LEU A 341 10.95 -8.19 13.64
C LEU A 341 11.66 -7.67 14.89
N ILE A 342 11.45 -6.38 15.22
CA ILE A 342 12.01 -5.75 16.41
C ILE A 342 11.42 -6.46 17.65
N LYS A 343 10.10 -6.71 17.63
CA LYS A 343 9.39 -7.41 18.70
C LYS A 343 9.92 -8.83 18.82
N HIS A 344 10.14 -9.51 17.69
CA HIS A 344 10.64 -10.89 17.61
C HIS A 344 11.95 -11.09 18.37
N TRP A 345 12.93 -10.19 18.16
CA TRP A 345 14.23 -10.26 18.81
C TRP A 345 14.14 -10.14 20.33
N ILE A 346 13.24 -9.27 20.82
CA ILE A 346 13.04 -9.07 22.25
C ILE A 346 12.47 -10.33 22.90
N ARG A 347 11.54 -11.01 22.21
CA ARG A 347 10.95 -12.25 22.70
C ARG A 347 11.99 -13.37 22.64
N ILE A 348 12.70 -13.49 21.50
CA ILE A 348 13.74 -14.51 21.28
C ILE A 348 14.94 -14.38 22.21
N ASN A 349 15.09 -13.21 22.88
CA ASN A 349 16.19 -12.96 23.82
C ASN A 349 16.04 -13.79 25.10
N GLU B 5 21.38 -19.64 7.42
CA GLU B 5 21.81 -20.52 6.33
C GLU B 5 22.42 -19.74 5.17
N GLU B 6 23.51 -20.28 4.60
CA GLU B 6 24.26 -19.67 3.50
C GLU B 6 23.91 -20.42 2.23
N CYS B 7 22.89 -19.91 1.46
CA CYS B 7 22.34 -20.52 0.22
C CYS B 7 23.39 -21.32 -0.56
N GLU B 8 23.14 -22.61 -0.77
CA GLU B 8 24.06 -23.51 -1.47
C GLU B 8 23.55 -24.05 -2.81
N ASN B 9 22.21 -24.19 -2.96
CA ASN B 9 21.60 -24.74 -4.19
C ASN B 9 22.14 -24.06 -5.43
N TYR B 10 22.39 -24.83 -6.49
CA TYR B 10 22.91 -24.36 -7.76
C TYR B 10 22.39 -22.98 -8.14
N PHE B 11 23.32 -22.07 -8.52
CA PHE B 11 23.14 -20.65 -8.86
C PHE B 11 23.29 -19.75 -7.64
N SER B 12 23.41 -20.34 -6.44
CA SER B 12 23.57 -19.56 -5.20
C SER B 12 24.98 -19.03 -4.99
N LYS B 13 25.97 -19.68 -5.60
CA LYS B 13 27.38 -19.31 -5.44
C LYS B 13 27.87 -18.40 -6.56
N THR B 14 28.63 -17.35 -6.19
CA THR B 14 29.23 -16.44 -7.15
C THR B 14 30.71 -16.31 -6.88
N LEU B 15 31.44 -15.91 -7.91
CA LEU B 15 32.87 -15.69 -7.92
C LEU B 15 33.14 -14.20 -7.64
N LEU B 16 32.07 -13.39 -7.65
CA LEU B 16 32.16 -11.93 -7.53
C LEU B 16 31.54 -11.28 -6.31
N ASP B 17 31.78 -9.97 -6.19
CA ASP B 17 31.19 -9.05 -5.24
C ASP B 17 30.49 -8.06 -6.15
N ARG B 18 29.15 -7.97 -6.04
CA ARG B 18 28.34 -7.11 -6.90
C ARG B 18 28.77 -5.65 -6.93
N LYS B 19 29.29 -5.10 -5.80
CA LYS B 19 29.80 -3.73 -5.70
C LYS B 19 28.88 -2.74 -6.41
N SER B 20 27.63 -2.62 -5.94
CA SER B 20 26.65 -1.73 -6.55
C SER B 20 27.00 -0.25 -6.39
N GLU B 21 27.91 0.07 -5.46
CA GLU B 21 28.36 1.45 -5.24
C GLU B 21 29.11 1.99 -6.47
N LYS B 22 29.81 1.12 -7.19
CA LYS B 22 30.59 1.46 -8.38
C LYS B 22 29.72 1.60 -9.63
N ARG B 23 28.40 1.34 -9.53
CA ARG B 23 27.49 1.41 -10.67
C ARG B 23 27.25 2.84 -11.15
N ASN B 24 27.06 3.80 -10.24
CA ASN B 24 26.85 5.20 -10.60
C ASN B 24 28.18 5.97 -10.65
N ASN B 25 29.29 5.26 -10.86
CA ASN B 25 30.62 5.84 -10.95
C ASN B 25 31.11 5.68 -12.38
N SER B 26 30.49 6.44 -13.31
CA SER B 26 30.80 6.43 -14.74
C SER B 26 32.29 6.56 -15.06
N ASP B 27 33.02 7.41 -14.31
CA ASP B 27 34.45 7.61 -14.51
C ASP B 27 35.26 6.36 -14.22
N TRP B 28 34.87 5.61 -13.18
CA TRP B 28 35.53 4.36 -12.78
C TRP B 28 35.27 3.25 -13.80
N LEU B 29 33.99 3.03 -14.17
CA LEU B 29 33.59 2.01 -15.13
C LEU B 29 34.30 2.16 -16.47
N LEU B 30 34.43 3.41 -16.95
CA LEU B 30 35.12 3.71 -18.20
C LEU B 30 36.59 3.29 -18.14
N ALA B 31 37.27 3.54 -16.99
CA ALA B 31 38.66 3.16 -16.81
C ALA B 31 38.85 1.65 -16.78
N LYS B 32 37.94 0.93 -16.09
CA LYS B 32 37.98 -0.53 -16.00
C LYS B 32 37.60 -1.22 -17.30
N GLU B 33 36.79 -0.57 -18.16
CA GLU B 33 36.39 -1.14 -19.45
C GLU B 33 37.61 -1.43 -20.33
N SER B 34 38.61 -0.52 -20.32
CA SER B 34 39.84 -0.63 -21.10
C SER B 34 40.98 -1.30 -20.35
N HIS B 35 40.84 -1.51 -19.02
CA HIS B 35 41.84 -2.16 -18.18
C HIS B 35 42.10 -3.59 -18.66
N PRO B 36 43.39 -4.03 -18.72
CA PRO B 36 43.68 -5.40 -19.18
C PRO B 36 43.20 -6.51 -18.24
N ALA B 37 43.40 -6.36 -16.90
CA ALA B 37 43.01 -7.36 -15.90
C ALA B 37 41.51 -7.67 -15.88
N THR B 38 40.69 -6.71 -16.36
CA THR B 38 39.23 -6.83 -16.46
C THR B 38 38.79 -8.04 -17.28
N VAL B 39 37.84 -8.82 -16.72
CA VAL B 39 37.29 -10.02 -17.34
C VAL B 39 35.98 -9.69 -18.06
N PHE B 40 35.80 -10.24 -19.26
CA PHE B 40 34.59 -10.08 -20.04
C PHE B 40 34.01 -11.43 -20.39
N ILE B 41 32.67 -11.52 -20.37
CA ILE B 41 31.95 -12.74 -20.74
C ILE B 41 31.07 -12.41 -21.92
N LEU B 42 31.19 -13.20 -22.98
CA LEU B 42 30.41 -13.01 -24.19
C LEU B 42 29.07 -13.75 -24.13
N PHE B 43 28.02 -13.10 -24.60
CA PHE B 43 26.67 -13.63 -24.64
C PHE B 43 26.04 -13.40 -26.00
N SER B 44 25.38 -14.43 -26.54
CA SER B 44 24.63 -14.31 -27.79
C SER B 44 23.28 -14.91 -27.54
N ASP B 45 22.23 -14.06 -27.56
CA ASP B 45 20.86 -14.45 -27.28
C ASP B 45 20.79 -15.13 -25.90
N LEU B 46 21.37 -14.46 -24.89
CA LEU B 46 21.40 -14.91 -23.49
C LEU B 46 22.18 -16.22 -23.26
N ASN B 47 23.04 -16.61 -24.22
CA ASN B 47 23.83 -17.83 -24.10
C ASN B 47 25.30 -17.51 -23.96
N PRO B 48 25.94 -17.94 -22.85
CA PRO B 48 27.35 -17.57 -22.64
C PRO B 48 28.35 -18.36 -23.45
N LEU B 49 29.49 -17.73 -23.76
CA LEU B 49 30.58 -18.35 -24.48
C LEU B 49 31.42 -19.13 -23.49
N VAL B 50 31.48 -20.44 -23.70
CA VAL B 50 32.17 -21.38 -22.83
C VAL B 50 33.17 -22.24 -23.61
N THR B 51 34.31 -22.51 -23.00
CA THR B 51 35.34 -23.39 -23.53
C THR B 51 35.31 -24.71 -22.73
N LEU B 52 36.26 -25.61 -22.97
CA LEU B 52 36.28 -26.90 -22.31
C LEU B 52 37.65 -27.21 -21.72
N GLY B 53 37.67 -27.60 -20.44
CA GLY B 53 38.89 -27.91 -19.72
C GLY B 53 38.90 -29.29 -19.08
N LYS B 56 45.32 -30.45 -17.14
CA LYS B 56 43.88 -30.59 -16.99
C LYS B 56 43.45 -32.07 -16.96
N GLU B 57 42.12 -32.32 -16.86
CA GLU B 57 41.54 -33.66 -16.82
C GLU B 57 41.97 -34.51 -18.01
N SER B 58 42.27 -35.78 -17.74
CA SER B 58 42.71 -36.73 -18.75
C SER B 58 41.86 -37.97 -18.74
N PHE B 59 41.31 -38.34 -19.92
CA PHE B 59 40.47 -39.51 -20.24
C PHE B 59 39.03 -39.42 -19.68
N GLN B 60 38.76 -38.54 -18.68
CA GLN B 60 37.42 -38.43 -18.13
C GLN B 60 36.74 -37.16 -18.59
N GLN B 61 35.43 -37.05 -18.33
CA GLN B 61 34.60 -35.90 -18.71
C GLN B 61 35.27 -34.55 -18.48
N PRO B 62 35.41 -33.74 -19.54
CA PRO B 62 36.00 -32.41 -19.37
C PRO B 62 34.96 -31.40 -18.88
N GLU B 63 35.37 -30.52 -17.98
CA GLU B 63 34.46 -29.53 -17.40
C GLU B 63 34.27 -28.30 -18.27
N VAL B 64 33.05 -27.77 -18.24
CA VAL B 64 32.65 -26.58 -19.00
C VAL B 64 33.02 -25.35 -18.21
N ARG B 65 33.80 -24.46 -18.82
CA ARG B 65 34.24 -23.20 -18.19
C ARG B 65 33.96 -22.04 -19.12
N LEU B 66 33.76 -20.83 -18.58
CA LEU B 66 33.47 -19.64 -19.37
C LEU B 66 34.74 -19.09 -20.04
N CYS B 67 34.69 -18.91 -21.39
CA CYS B 67 35.77 -18.35 -22.22
C CYS B 67 35.93 -16.89 -21.76
N GLN B 68 36.85 -16.64 -20.79
CA GLN B 68 37.11 -15.33 -20.16
C GLN B 68 37.87 -14.37 -21.07
N LEU B 69 37.14 -13.47 -21.73
CA LEU B 69 37.71 -12.51 -22.66
C LEU B 69 38.34 -11.29 -21.99
N ASN B 70 39.21 -10.59 -22.74
CA ASN B 70 39.89 -9.38 -22.29
C ASN B 70 39.60 -8.26 -23.28
N TYR B 71 39.99 -7.01 -22.91
CA TYR B 71 39.80 -5.83 -23.74
C TYR B 71 40.42 -5.99 -25.12
N THR B 72 41.59 -6.65 -25.19
CA THR B 72 42.30 -6.91 -26.46
C THR B 72 41.39 -7.54 -27.51
N ASP B 73 40.56 -8.52 -27.11
CA ASP B 73 39.64 -9.19 -28.01
C ASP B 73 38.40 -8.37 -28.31
N ILE B 74 37.73 -7.92 -27.27
CA ILE B 74 36.45 -7.23 -27.28
C ILE B 74 36.49 -5.75 -27.71
N LYS B 75 37.68 -5.12 -27.81
CA LYS B 75 37.83 -3.71 -28.18
C LYS B 75 37.07 -3.32 -29.44
N ASP B 76 37.06 -4.21 -30.44
CA ASP B 76 36.38 -3.98 -31.72
C ASP B 76 34.88 -3.88 -31.56
N TYR B 77 34.28 -4.80 -30.78
CA TYR B 77 32.83 -4.84 -30.55
C TYR B 77 32.28 -3.64 -29.82
N LEU B 78 33.09 -3.04 -28.94
CA LEU B 78 32.69 -1.87 -28.16
C LEU B 78 32.51 -0.61 -29.00
N ALA B 79 33.15 -0.56 -30.19
CA ALA B 79 33.06 0.57 -31.12
C ALA B 79 31.63 0.80 -31.64
N GLN B 80 30.75 -0.23 -31.55
CA GLN B 80 29.34 -0.13 -31.95
C GLN B 80 28.47 -0.26 -30.69
N PRO B 81 28.33 0.83 -29.86
CA PRO B 81 27.54 0.72 -28.63
C PRO B 81 26.04 0.58 -28.87
N GLU B 82 25.57 0.90 -30.09
CA GLU B 82 24.17 0.76 -30.45
C GLU B 82 23.84 -0.70 -30.73
N LYS B 83 24.83 -1.49 -31.18
CA LYS B 83 24.66 -2.91 -31.52
C LYS B 83 25.01 -3.87 -30.38
N ILE B 84 25.39 -3.35 -29.21
CA ILE B 84 25.77 -4.17 -28.06
C ILE B 84 25.06 -3.77 -26.77
N THR B 85 25.23 -4.61 -25.72
CA THR B 85 24.66 -4.39 -24.40
C THR B 85 25.72 -4.83 -23.38
N LEU B 86 26.31 -3.86 -22.69
CA LEU B 86 27.35 -4.12 -21.70
C LEU B 86 26.84 -3.90 -20.28
N ILE B 87 27.05 -4.90 -19.41
CA ILE B 87 26.63 -4.87 -18.01
C ILE B 87 27.82 -5.11 -17.10
N PHE B 88 27.99 -4.25 -16.08
CA PHE B 88 29.04 -4.42 -15.09
C PHE B 88 28.55 -5.42 -14.05
N LEU B 89 29.18 -6.59 -14.00
CA LEU B 89 28.76 -7.63 -13.05
C LEU B 89 29.22 -7.35 -11.63
N GLY B 90 30.51 -7.16 -11.46
CA GLY B 90 31.10 -6.88 -10.16
C GLY B 90 32.60 -7.10 -10.16
N VAL B 91 33.18 -7.13 -8.97
CA VAL B 91 34.61 -7.33 -8.80
C VAL B 91 34.87 -8.66 -8.15
N GLU B 92 35.87 -9.38 -8.64
CA GLU B 92 36.29 -10.69 -8.15
C GLU B 92 36.68 -10.66 -6.67
N LEU B 93 36.40 -11.76 -5.98
CA LEU B 93 36.75 -11.92 -4.57
C LEU B 93 38.06 -12.69 -4.50
N GLU B 94 39.06 -12.13 -3.79
CA GLU B 94 40.38 -12.75 -3.66
C GLU B 94 41.11 -12.24 -2.40
N GLU B 111 46.11 2.71 -7.99
CA GLU B 111 45.03 2.01 -8.68
C GLU B 111 44.40 0.96 -7.75
N ASP B 112 43.06 1.00 -7.62
CA ASP B 112 42.29 0.07 -6.80
C ASP B 112 42.30 -1.31 -7.47
N GLY B 113 43.22 -2.17 -7.02
CA GLY B 113 43.42 -3.51 -7.55
C GLY B 113 42.22 -4.43 -7.40
N LEU B 114 41.22 -4.26 -8.27
CA LEU B 114 39.98 -5.04 -8.26
C LEU B 114 39.77 -5.60 -9.65
N VAL B 115 39.46 -6.90 -9.73
CA VAL B 115 39.25 -7.56 -11.02
C VAL B 115 37.80 -7.34 -11.44
N ALA B 116 37.56 -6.32 -12.27
CA ALA B 116 36.22 -6.01 -12.76
C ALA B 116 35.76 -7.05 -13.76
N TRP B 117 34.48 -7.45 -13.67
CA TRP B 117 33.87 -8.42 -14.57
C TRP B 117 32.70 -7.78 -15.27
N PHE B 118 32.62 -7.98 -16.59
CA PHE B 118 31.57 -7.43 -17.42
C PHE B 118 30.90 -8.53 -18.24
N ALA B 119 29.68 -8.26 -18.70
CA ALA B 119 28.92 -9.16 -19.54
C ALA B 119 28.57 -8.39 -20.80
N LEU B 120 28.82 -9.01 -21.97
CA LEU B 120 28.56 -8.38 -23.25
C LEU B 120 27.63 -9.19 -24.14
N GLY B 121 26.50 -8.58 -24.48
CA GLY B 121 25.51 -9.15 -25.38
C GLY B 121 25.75 -8.62 -26.77
N ILE B 122 25.77 -9.52 -27.77
CA ILE B 122 26.04 -9.15 -29.15
C ILE B 122 25.04 -9.76 -30.12
N ASP B 123 24.99 -9.23 -31.34
CA ASP B 123 24.12 -9.72 -32.39
C ASP B 123 24.49 -11.15 -32.76
N PRO B 124 23.49 -12.01 -33.07
CA PRO B 124 23.81 -13.39 -33.51
C PRO B 124 24.52 -13.38 -34.87
N ILE B 125 24.49 -12.23 -35.56
CA ILE B 125 25.14 -12.03 -36.86
C ILE B 125 26.65 -11.88 -36.63
N ALA B 126 27.01 -11.13 -35.56
CA ALA B 126 28.40 -10.86 -35.18
C ALA B 126 28.93 -11.95 -34.25
N ALA B 127 28.03 -12.76 -33.65
CA ALA B 127 28.41 -13.84 -32.73
C ALA B 127 28.98 -15.03 -33.44
N GLU B 128 28.31 -15.53 -34.49
CA GLU B 128 28.81 -16.67 -35.28
C GLU B 128 30.11 -16.32 -36.00
N GLU B 129 30.38 -15.02 -36.17
CA GLU B 129 31.61 -14.50 -36.76
C GLU B 129 32.73 -14.68 -35.73
N PHE B 130 32.42 -14.42 -34.44
CA PHE B 130 33.36 -14.58 -33.32
C PHE B 130 33.61 -16.06 -33.06
N LYS B 131 32.55 -16.89 -33.08
CA LYS B 131 32.65 -18.33 -32.85
C LYS B 131 33.64 -19.00 -33.80
N GLN B 132 33.76 -18.46 -35.03
CA GLN B 132 34.71 -18.97 -36.02
C GLN B 132 36.14 -18.67 -35.59
N ARG B 133 36.38 -17.49 -35.01
CA ARG B 133 37.71 -17.10 -34.52
C ARG B 133 38.08 -17.86 -33.24
N HIS B 134 37.08 -18.08 -32.36
CA HIS B 134 37.29 -18.79 -31.08
C HIS B 134 37.71 -20.23 -31.30
N GLU B 135 36.96 -20.99 -32.15
CA GLU B 135 37.21 -22.38 -32.51
C GLU B 135 37.06 -23.37 -31.33
N ASN B 136 37.73 -23.09 -30.20
CA ASN B 136 37.66 -23.92 -29.01
C ASN B 136 36.53 -23.47 -28.09
N CYS B 137 36.25 -22.16 -28.04
CA CYS B 137 35.14 -21.63 -27.25
C CYS B 137 33.85 -21.80 -28.08
N TYR B 138 32.72 -22.04 -27.41
CA TYR B 138 31.41 -22.22 -28.05
C TYR B 138 30.29 -21.74 -27.13
N PHE B 139 29.13 -21.43 -27.70
CA PHE B 139 27.99 -20.93 -26.91
C PHE B 139 27.16 -22.04 -26.29
N LEU B 140 26.99 -21.95 -24.96
CA LEU B 140 26.23 -22.91 -24.17
C LEU B 140 24.72 -22.71 -24.33
N HIS B 141 24.14 -23.39 -25.33
CA HIS B 141 22.73 -23.36 -25.63
C HIS B 141 22.21 -24.80 -25.80
N PRO B 142 20.96 -25.14 -25.44
CA PRO B 142 19.90 -24.29 -24.88
C PRO B 142 20.09 -24.01 -23.40
N PRO B 143 19.40 -23.01 -22.80
CA PRO B 143 19.57 -22.75 -21.37
C PRO B 143 19.24 -23.93 -20.47
N MET B 144 18.34 -24.81 -20.93
CA MET B 144 17.96 -26.00 -20.19
C MET B 144 18.13 -27.28 -21.01
N PRO B 145 18.91 -28.25 -20.49
CA PRO B 145 19.59 -28.28 -19.18
C PRO B 145 21.05 -27.79 -19.20
N ALA B 146 21.56 -27.35 -20.38
CA ALA B 146 22.96 -26.95 -20.57
C ALA B 146 23.54 -26.08 -19.47
N LEU B 147 22.77 -25.10 -18.94
CA LEU B 147 23.26 -24.21 -17.88
C LEU B 147 23.60 -24.93 -16.56
N LEU B 148 23.16 -26.19 -16.40
CA LEU B 148 23.46 -26.96 -15.20
C LEU B 148 24.85 -27.59 -15.24
N GLN B 149 25.61 -27.39 -16.32
CA GLN B 149 26.94 -27.97 -16.50
C GLN B 149 28.07 -27.18 -15.89
N LEU B 150 27.92 -25.85 -15.79
CA LEU B 150 28.94 -24.94 -15.26
C LEU B 150 29.39 -25.26 -13.84
N LYS B 151 30.52 -24.65 -13.44
CA LYS B 151 31.07 -24.81 -12.10
C LYS B 151 30.19 -24.06 -11.11
N GLU B 152 30.16 -24.52 -9.84
CA GLU B 152 29.36 -23.93 -8.77
C GLU B 152 29.44 -22.40 -8.71
N LYS B 153 30.67 -21.84 -8.62
CA LYS B 153 30.87 -20.39 -8.53
C LYS B 153 30.64 -19.66 -9.84
N GLU B 154 30.82 -20.35 -10.99
CA GLU B 154 30.59 -19.73 -12.29
C GLU B 154 29.10 -19.61 -12.53
N ALA B 155 28.31 -20.59 -12.03
CA ALA B 155 26.86 -20.63 -12.16
C ALA B 155 26.17 -19.31 -11.81
N GLY B 156 26.37 -18.83 -10.57
CA GLY B 156 25.80 -17.58 -10.08
C GLY B 156 26.13 -16.38 -10.93
N VAL B 157 27.38 -16.33 -11.46
CA VAL B 157 27.85 -15.26 -12.33
C VAL B 157 27.02 -15.24 -13.62
N VAL B 158 26.67 -16.45 -14.11
CA VAL B 158 25.84 -16.62 -15.29
C VAL B 158 24.40 -16.26 -14.93
N ALA B 159 23.93 -16.71 -13.75
CA ALA B 159 22.58 -16.44 -13.25
C ALA B 159 22.34 -14.94 -13.21
N GLN B 160 23.31 -14.18 -12.66
CA GLN B 160 23.26 -12.72 -12.56
C GLN B 160 23.31 -12.08 -13.95
N ALA B 161 24.24 -12.52 -14.82
CA ALA B 161 24.39 -11.97 -16.16
C ALA B 161 23.18 -12.20 -17.04
N ARG B 162 22.75 -13.47 -17.20
CA ARG B 162 21.61 -13.85 -18.04
C ARG B 162 20.35 -13.10 -17.63
N SER B 163 20.07 -13.04 -16.31
CA SER B 163 18.90 -12.38 -15.76
C SER B 163 18.80 -10.91 -16.17
N VAL B 164 19.91 -10.16 -16.02
CA VAL B 164 19.98 -8.74 -16.34
C VAL B 164 19.90 -8.50 -17.85
N LEU B 165 20.64 -9.30 -18.64
CA LEU B 165 20.64 -9.19 -20.09
C LEU B 165 19.26 -9.47 -20.65
N ALA B 166 18.55 -10.46 -20.06
CA ALA B 166 17.19 -10.83 -20.48
C ALA B 166 16.20 -9.69 -20.23
N TRP B 167 16.44 -8.90 -19.18
CA TRP B 167 15.62 -7.74 -18.86
C TRP B 167 15.81 -6.67 -19.93
N HIS B 168 17.08 -6.41 -20.34
CA HIS B 168 17.39 -5.44 -21.38
C HIS B 168 16.86 -5.87 -22.74
N SER B 169 16.93 -7.17 -23.06
CA SER B 169 16.47 -7.70 -24.34
C SER B 169 14.96 -7.63 -24.55
N ARG B 170 14.16 -7.64 -23.46
CA ARG B 170 12.70 -7.65 -23.56
C ARG B 170 12.00 -6.44 -22.94
N TYR B 171 12.75 -5.52 -22.34
CA TYR B 171 12.19 -4.30 -21.76
C TYR B 171 12.83 -3.09 -22.40
N LYS B 172 13.05 -3.18 -23.72
CA LYS B 172 13.65 -2.12 -24.54
C LYS B 172 12.83 -0.84 -24.55
N PHE B 173 11.53 -0.94 -24.26
CA PHE B 173 10.60 0.19 -24.26
C PHE B 173 10.02 0.45 -22.88
N CYS B 174 9.46 1.64 -22.70
CA CYS B 174 8.83 2.05 -21.45
C CYS B 174 7.38 1.52 -21.43
N PRO B 175 6.99 0.72 -20.42
CA PRO B 175 5.61 0.21 -20.40
C PRO B 175 4.55 1.26 -20.07
N THR B 176 4.96 2.39 -19.46
CA THR B 176 4.05 3.46 -19.08
C THR B 176 3.53 4.23 -20.30
N CYS B 177 4.44 4.66 -21.20
CA CYS B 177 4.06 5.47 -22.36
C CYS B 177 4.37 4.83 -23.72
N GLY B 178 5.24 3.80 -23.76
CA GLY B 178 5.59 3.11 -24.99
C GLY B 178 6.86 3.54 -25.68
N ASN B 179 7.41 4.72 -25.30
CA ASN B 179 8.64 5.25 -25.90
C ASN B 179 9.89 4.46 -25.50
N ALA B 180 10.95 4.55 -26.31
CA ALA B 180 12.23 3.87 -26.10
C ALA B 180 12.89 4.32 -24.80
N THR B 181 13.78 3.47 -24.26
CA THR B 181 14.47 3.72 -23.00
C THR B 181 15.99 3.67 -23.13
N LYS B 182 16.66 4.46 -22.29
CA LYS B 182 18.12 4.58 -22.21
C LYS B 182 18.64 3.69 -21.08
N ILE B 183 19.77 2.99 -21.33
CA ILE B 183 20.42 2.13 -20.34
C ILE B 183 21.31 3.00 -19.47
N GLU B 184 21.25 2.80 -18.15
CA GLU B 184 22.05 3.57 -17.22
C GLU B 184 22.43 2.78 -15.98
N GLU B 185 23.26 3.40 -15.11
CA GLU B 185 23.73 2.85 -13.83
C GLU B 185 24.43 1.49 -14.00
N GLY B 186 25.27 1.40 -15.03
CA GLY B 186 26.02 0.20 -15.36
C GLY B 186 25.18 -0.98 -15.86
N GLY B 187 23.95 -0.70 -16.27
CA GLY B 187 23.02 -1.70 -16.79
C GLY B 187 22.03 -2.25 -15.79
N TYR B 188 21.75 -1.50 -14.72
CA TYR B 188 20.79 -1.90 -13.68
C TYR B 188 19.65 -0.91 -13.55
N LYS B 189 19.46 -0.09 -14.59
CA LYS B 189 18.42 0.93 -14.66
C LYS B 189 18.13 1.26 -16.12
N ARG B 190 16.90 1.70 -16.37
CA ARG B 190 16.44 2.10 -17.69
C ARG B 190 15.54 3.31 -17.55
N LEU B 191 15.90 4.39 -18.26
CA LEU B 191 15.18 5.65 -18.20
C LEU B 191 14.41 5.94 -19.47
N CYS B 192 13.16 6.41 -19.31
CA CYS B 192 12.31 6.78 -20.43
C CYS B 192 12.77 8.12 -20.99
N LEU B 193 12.80 8.24 -22.33
CA LEU B 193 13.26 9.44 -23.02
C LEU B 193 12.16 10.50 -23.25
N LYS B 194 10.88 10.13 -23.03
CA LYS B 194 9.75 11.05 -23.18
C LYS B 194 9.72 11.90 -21.92
N GLU B 195 10.01 13.21 -22.06
CA GLU B 195 10.10 14.16 -20.95
C GLU B 195 8.90 14.14 -20.00
N ASP B 196 7.68 14.24 -20.53
CA ASP B 196 6.45 14.30 -19.75
C ASP B 196 5.99 12.97 -19.14
N CYS B 197 6.75 11.88 -19.38
CA CYS B 197 6.43 10.54 -18.88
C CYS B 197 6.33 10.51 -17.35
N PRO B 198 5.27 9.88 -16.77
CA PRO B 198 5.15 9.79 -15.31
C PRO B 198 6.18 8.88 -14.64
N SER B 199 6.89 8.02 -15.41
CA SER B 199 7.92 7.13 -14.84
C SER B 199 9.12 7.94 -14.33
N LEU B 200 9.36 9.12 -14.94
CA LEU B 200 10.43 10.03 -14.53
C LEU B 200 10.01 10.87 -13.32
N ASN B 201 8.73 10.75 -12.93
CA ASN B 201 8.17 11.44 -11.77
C ASN B 201 8.05 10.47 -10.61
N GLY B 202 9.12 10.38 -9.84
CA GLY B 202 9.21 9.49 -8.69
C GLY B 202 10.08 8.28 -8.97
N VAL B 203 10.04 7.30 -8.05
CA VAL B 203 10.83 6.08 -8.14
C VAL B 203 9.86 4.92 -8.36
N HIS B 204 9.93 4.31 -9.55
CA HIS B 204 9.03 3.24 -9.93
C HIS B 204 9.77 1.98 -10.40
N ASN B 205 9.10 0.82 -10.32
CA ASN B 205 9.65 -0.47 -10.74
C ASN B 205 9.90 -0.59 -12.23
N THR B 206 9.23 0.24 -13.05
CA THR B 206 9.43 0.24 -14.51
C THR B 206 10.89 0.48 -14.88
N SER B 207 11.61 1.28 -14.08
CA SER B 207 13.01 1.62 -14.31
C SER B 207 14.00 0.53 -13.91
N TYR B 208 13.64 -0.30 -12.92
CA TYR B 208 14.53 -1.30 -12.37
C TYR B 208 14.31 -2.73 -12.90
N PRO B 209 15.33 -3.63 -12.77
CA PRO B 209 15.18 -4.99 -13.30
C PRO B 209 14.20 -5.87 -12.52
N ARG B 210 13.56 -6.80 -13.23
CA ARG B 210 12.54 -7.70 -12.70
C ARG B 210 13.09 -8.95 -12.04
N VAL B 211 12.43 -9.37 -10.95
CA VAL B 211 12.71 -10.59 -10.18
C VAL B 211 11.34 -11.21 -9.89
N ASP B 212 11.07 -12.38 -10.47
CA ASP B 212 9.80 -13.07 -10.31
C ASP B 212 9.80 -14.09 -9.18
N PRO B 213 9.04 -13.86 -8.09
CA PRO B 213 9.05 -14.83 -6.98
C PRO B 213 8.20 -16.05 -7.27
N VAL B 214 8.79 -17.24 -7.04
CA VAL B 214 8.15 -18.54 -7.25
C VAL B 214 8.27 -19.33 -5.96
N VAL B 215 7.20 -20.01 -5.56
CA VAL B 215 7.20 -20.89 -4.40
C VAL B 215 7.23 -22.30 -4.91
N ILE B 216 8.14 -23.12 -4.37
CA ILE B 216 8.27 -24.55 -4.67
C ILE B 216 8.14 -25.25 -3.33
N MET B 217 7.19 -26.17 -3.24
CA MET B 217 6.85 -26.80 -1.97
C MET B 217 6.88 -28.31 -1.96
N GLN B 218 7.40 -28.86 -0.86
CA GLN B 218 7.48 -30.27 -0.58
C GLN B 218 6.34 -30.58 0.38
N VAL B 219 5.24 -31.14 -0.16
CA VAL B 219 4.04 -31.46 0.60
C VAL B 219 4.12 -32.84 1.23
N ILE B 220 4.06 -32.88 2.57
CA ILE B 220 4.19 -34.10 3.35
C ILE B 220 2.82 -34.61 3.72
N HIS B 221 2.59 -35.92 3.53
CA HIS B 221 1.34 -36.60 3.87
C HIS B 221 1.04 -36.44 5.36
N PRO B 222 -0.25 -36.33 5.77
CA PRO B 222 -0.57 -36.18 7.20
C PRO B 222 0.04 -37.25 8.13
N ASP B 223 0.44 -38.42 7.59
CA ASP B 223 1.06 -39.48 8.39
C ASP B 223 2.59 -39.43 8.34
N GLY B 224 3.12 -38.49 7.53
CA GLY B 224 4.55 -38.25 7.34
C GLY B 224 5.35 -39.29 6.56
N THR B 225 4.71 -40.39 6.13
CA THR B 225 5.38 -41.47 5.39
C THR B 225 5.38 -41.26 3.88
N LYS B 226 4.53 -40.36 3.38
CA LYS B 226 4.42 -40.08 1.95
C LYS B 226 4.61 -38.60 1.65
N CYS B 227 4.80 -38.28 0.37
CA CYS B 227 4.97 -36.93 -0.14
C CYS B 227 4.25 -36.77 -1.47
N LEU B 228 3.77 -35.57 -1.75
CA LEU B 228 3.05 -35.28 -2.98
C LEU B 228 3.98 -34.74 -4.04
N LEU B 229 3.89 -35.31 -5.25
CA LEU B 229 4.67 -34.90 -6.42
C LEU B 229 3.77 -34.93 -7.64
N GLY B 230 4.01 -34.03 -8.58
CA GLY B 230 3.22 -33.93 -9.80
C GLY B 230 3.98 -33.53 -11.03
N ARG B 231 3.26 -33.43 -12.16
CA ARG B 231 3.85 -33.08 -13.44
C ARG B 231 2.86 -32.40 -14.39
N GLN B 232 3.38 -31.51 -15.24
CA GLN B 232 2.59 -30.84 -16.28
C GLN B 232 2.69 -31.71 -17.52
N LYS B 233 2.08 -31.27 -18.64
CA LYS B 233 2.13 -32.01 -19.91
C LYS B 233 3.52 -31.89 -20.55
N ARG B 234 4.13 -30.68 -20.47
CA ARG B 234 5.44 -30.39 -21.06
C ARG B 234 6.59 -31.19 -20.43
N PHE B 235 6.47 -31.50 -19.13
CA PHE B 235 7.46 -32.25 -18.35
C PHE B 235 7.88 -33.55 -19.03
N PRO B 236 9.19 -33.92 -18.94
CA PRO B 236 9.63 -35.17 -19.58
C PRO B 236 8.85 -36.39 -19.09
N PRO B 237 8.59 -37.38 -19.99
CA PRO B 237 7.81 -38.57 -19.59
C PRO B 237 8.31 -39.29 -18.35
N GLY B 238 7.38 -39.60 -17.45
CA GLY B 238 7.63 -40.32 -16.21
C GLY B 238 8.36 -39.56 -15.11
N MET B 239 8.52 -38.24 -15.28
CA MET B 239 9.19 -37.42 -14.28
C MET B 239 8.22 -36.64 -13.41
N PHE B 240 8.31 -36.82 -12.10
CA PHE B 240 7.48 -36.16 -11.09
C PHE B 240 8.37 -35.26 -10.25
N THR B 241 7.88 -34.06 -9.95
CA THR B 241 8.60 -33.05 -9.18
C THR B 241 7.70 -32.41 -8.14
N CYS B 242 8.29 -31.53 -7.32
CA CYS B 242 7.59 -30.72 -6.33
C CYS B 242 6.67 -29.76 -7.07
N LEU B 243 5.52 -29.46 -6.44
CA LEU B 243 4.55 -28.53 -6.97
C LEU B 243 5.04 -27.12 -6.76
N ALA B 244 4.92 -26.28 -7.79
CA ALA B 244 5.40 -24.90 -7.73
C ALA B 244 4.49 -23.94 -8.46
N GLY B 245 4.60 -22.67 -8.10
CA GLY B 245 3.79 -21.60 -8.69
C GLY B 245 4.29 -20.23 -8.35
N PHE B 246 3.88 -19.25 -9.16
CA PHE B 246 4.26 -17.85 -8.97
C PHE B 246 3.45 -17.20 -7.88
N ILE B 247 4.12 -16.39 -7.05
CA ILE B 247 3.45 -15.67 -5.97
C ILE B 247 2.60 -14.57 -6.59
N GLU B 248 1.31 -14.55 -6.23
CA GLU B 248 0.34 -13.58 -6.71
C GLU B 248 0.62 -12.21 -6.11
N PRO B 249 0.23 -11.09 -6.79
CA PRO B 249 0.41 -9.76 -6.20
C PRO B 249 -0.50 -9.60 -4.98
N GLY B 250 0.08 -9.13 -3.88
CA GLY B 250 -0.63 -8.94 -2.61
C GLY B 250 -0.79 -10.25 -1.84
N GLU B 251 0.05 -11.25 -2.17
CA GLU B 251 0.02 -12.57 -1.54
C GLU B 251 1.33 -12.87 -0.84
N THR B 252 1.25 -13.60 0.28
CA THR B 252 2.41 -14.00 1.06
C THR B 252 3.00 -15.31 0.56
N ILE B 253 4.27 -15.56 0.90
CA ILE B 253 4.99 -16.78 0.55
C ILE B 253 4.19 -18.01 1.03
N GLU B 254 3.86 -18.06 2.33
CA GLU B 254 3.14 -19.19 2.94
C GLU B 254 1.78 -19.41 2.35
N ASP B 255 1.01 -18.33 2.12
CA ASP B 255 -0.33 -18.43 1.56
C ASP B 255 -0.34 -18.79 0.08
N ALA B 256 0.76 -18.50 -0.65
CA ALA B 256 0.87 -18.86 -2.07
C ALA B 256 1.11 -20.37 -2.17
N VAL B 257 1.75 -20.96 -1.14
CA VAL B 257 2.00 -22.41 -1.07
C VAL B 257 0.65 -23.09 -0.86
N ARG B 258 -0.10 -22.66 0.17
CA ARG B 258 -1.42 -23.18 0.51
C ARG B 258 -2.40 -23.06 -0.68
N ARG B 259 -2.21 -22.02 -1.52
CA ARG B 259 -3.04 -21.79 -2.69
C ARG B 259 -2.75 -22.79 -3.81
N GLU B 260 -1.54 -22.75 -4.39
CA GLU B 260 -1.14 -23.59 -5.52
C GLU B 260 -1.37 -25.07 -5.33
N VAL B 261 -1.09 -25.62 -4.14
CA VAL B 261 -1.30 -27.04 -3.87
C VAL B 261 -2.78 -27.41 -3.99
N GLU B 262 -3.66 -26.59 -3.38
CA GLU B 262 -5.10 -26.81 -3.44
C GLU B 262 -5.63 -26.58 -4.85
N GLU B 263 -5.10 -25.57 -5.56
CA GLU B 263 -5.51 -25.27 -6.93
C GLU B 263 -5.17 -26.40 -7.90
N GLU B 264 -3.93 -26.91 -7.85
CA GLU B 264 -3.48 -27.96 -8.74
C GLU B 264 -3.98 -29.33 -8.34
N SER B 265 -3.63 -29.79 -7.14
CA SER B 265 -3.93 -31.13 -6.65
C SER B 265 -5.21 -31.29 -5.84
N GLY B 266 -5.76 -30.21 -5.30
CA GLY B 266 -6.96 -30.28 -4.47
C GLY B 266 -6.66 -30.77 -3.06
N VAL B 267 -5.39 -30.67 -2.65
CA VAL B 267 -4.93 -31.09 -1.32
C VAL B 267 -4.85 -29.85 -0.43
N LYS B 268 -5.55 -29.89 0.71
CA LYS B 268 -5.56 -28.82 1.70
C LYS B 268 -4.25 -28.85 2.47
N VAL B 269 -3.60 -27.69 2.57
CA VAL B 269 -2.29 -27.53 3.22
C VAL B 269 -2.42 -26.89 4.60
N GLY B 270 -1.63 -27.41 5.53
CA GLY B 270 -1.55 -26.91 6.89
C GLY B 270 -0.42 -25.91 7.03
N HIS B 271 0.57 -26.28 7.85
CA HIS B 271 1.73 -25.45 8.12
C HIS B 271 2.71 -25.44 6.95
N VAL B 272 3.28 -24.27 6.66
CA VAL B 272 4.24 -24.06 5.57
C VAL B 272 5.53 -23.50 6.16
N GLN B 273 6.62 -24.27 6.05
CA GLN B 273 7.93 -23.90 6.59
C GLN B 273 8.92 -23.61 5.47
N TYR B 274 9.55 -22.43 5.51
CA TYR B 274 10.57 -22.06 4.53
C TYR B 274 11.83 -22.91 4.75
N VAL B 275 12.41 -23.41 3.67
CA VAL B 275 13.59 -24.27 3.74
C VAL B 275 14.77 -23.70 2.95
N ALA B 276 14.59 -23.38 1.65
CA ALA B 276 15.73 -22.96 0.85
C ALA B 276 15.44 -21.89 -0.19
N CYS B 277 16.53 -21.30 -0.68
CA CYS B 277 16.64 -20.24 -1.67
C CYS B 277 17.32 -20.85 -2.91
N GLN B 278 16.79 -20.53 -4.10
CA GLN B 278 17.41 -20.96 -5.34
C GLN B 278 17.09 -20.04 -6.50
N PRO B 279 18.05 -19.22 -6.98
CA PRO B 279 17.75 -18.37 -8.15
C PRO B 279 17.57 -19.26 -9.39
N TRP B 280 16.66 -18.85 -10.26
CA TRP B 280 16.35 -19.56 -11.48
C TRP B 280 16.43 -18.60 -12.66
N PRO B 281 17.58 -18.58 -13.38
CA PRO B 281 17.72 -17.63 -14.49
C PRO B 281 17.01 -18.08 -15.76
N MET B 282 15.67 -18.20 -15.67
CA MET B 282 14.83 -18.64 -16.80
C MET B 282 13.63 -17.71 -17.04
N PRO B 283 13.81 -16.38 -17.26
CA PRO B 283 15.04 -15.59 -17.28
C PRO B 283 15.41 -15.02 -15.91
N SER B 284 14.40 -14.62 -15.12
CA SER B 284 14.55 -14.09 -13.78
C SER B 284 13.46 -14.68 -12.91
N SER B 285 13.88 -15.47 -11.93
CA SER B 285 12.99 -16.14 -10.99
C SER B 285 13.74 -16.49 -9.73
N LEU B 286 13.05 -16.49 -8.60
CA LEU B 286 13.64 -16.84 -7.33
C LEU B 286 12.80 -17.91 -6.67
N MET B 287 13.31 -19.16 -6.67
CA MET B 287 12.62 -20.30 -6.07
C MET B 287 12.69 -20.21 -4.56
N ILE B 288 11.52 -20.20 -3.91
CA ILE B 288 11.40 -20.12 -2.46
C ILE B 288 10.91 -21.47 -1.97
N GLY B 289 11.87 -22.36 -1.71
CA GLY B 289 11.63 -23.73 -1.25
C GLY B 289 10.99 -23.80 0.12
N CYS B 290 9.89 -24.56 0.22
CA CYS B 290 9.16 -24.74 1.48
C CYS B 290 8.81 -26.20 1.70
N LEU B 291 8.79 -26.63 2.96
CA LEU B 291 8.38 -27.98 3.35
C LEU B 291 7.06 -27.81 4.07
N ALA B 292 5.97 -28.26 3.43
CA ALA B 292 4.61 -28.09 3.94
C ALA B 292 3.95 -29.39 4.37
N LEU B 293 3.12 -29.33 5.42
CA LEU B 293 2.39 -30.48 5.97
C LEU B 293 0.95 -30.48 5.45
N ALA B 294 0.53 -31.59 4.84
CA ALA B 294 -0.83 -31.73 4.33
C ALA B 294 -1.79 -32.07 5.45
N VAL B 295 -3.03 -31.57 5.33
CA VAL B 295 -4.10 -31.80 6.31
C VAL B 295 -5.21 -32.66 5.71
N SER B 296 -5.13 -32.92 4.40
CA SER B 296 -6.08 -33.76 3.67
C SER B 296 -5.29 -34.84 2.91
N THR B 297 -5.99 -35.82 2.32
CA THR B 297 -5.34 -36.93 1.62
C THR B 297 -5.83 -37.14 0.20
N GLU B 298 -7.07 -36.73 -0.12
CA GLU B 298 -7.65 -36.91 -1.44
C GLU B 298 -7.07 -35.95 -2.46
N ILE B 299 -6.82 -36.46 -3.68
CA ILE B 299 -6.26 -35.67 -4.78
C ILE B 299 -7.30 -35.51 -5.89
N LYS B 300 -7.51 -34.27 -6.33
CA LYS B 300 -8.41 -33.89 -7.42
C LYS B 300 -7.61 -33.05 -8.41
N VAL B 301 -6.87 -33.72 -9.30
CA VAL B 301 -6.02 -33.11 -10.32
C VAL B 301 -6.80 -32.12 -11.20
N ASP B 302 -6.24 -30.93 -11.40
CA ASP B 302 -6.87 -29.88 -12.20
C ASP B 302 -6.96 -30.20 -13.68
N LYS B 303 -5.90 -30.80 -14.27
CA LYS B 303 -5.81 -31.14 -15.70
C LYS B 303 -5.54 -29.91 -16.58
N ASN B 304 -5.88 -28.71 -16.10
CA ASN B 304 -5.63 -27.46 -16.82
C ASN B 304 -4.32 -26.83 -16.34
N GLU B 305 -3.78 -27.34 -15.22
CA GLU B 305 -2.53 -26.87 -14.64
C GLU B 305 -1.52 -27.99 -14.44
N ILE B 306 -2.01 -29.19 -14.08
CA ILE B 306 -1.20 -30.38 -13.82
C ILE B 306 -1.86 -31.59 -14.47
N GLU B 307 -1.08 -32.45 -15.15
CA GLU B 307 -1.66 -33.63 -15.78
C GLU B 307 -1.87 -34.77 -14.78
N ASP B 308 -0.98 -34.92 -13.80
CA ASP B 308 -1.10 -35.97 -12.78
C ASP B 308 -0.36 -35.61 -11.50
N ALA B 309 -0.94 -36.02 -10.37
CA ALA B 309 -0.38 -35.84 -9.05
C ALA B 309 -0.60 -37.12 -8.26
N ARG B 310 0.38 -37.52 -7.44
CA ARG B 310 0.31 -38.74 -6.66
C ARG B 310 1.08 -38.65 -5.36
N TRP B 311 0.74 -39.53 -4.40
CA TRP B 311 1.44 -39.64 -3.14
C TRP B 311 2.49 -40.73 -3.33
N PHE B 312 3.75 -40.41 -3.05
CA PHE B 312 4.86 -41.35 -3.19
C PHE B 312 5.42 -41.66 -1.82
N THR B 313 5.51 -42.95 -1.49
CA THR B 313 6.04 -43.39 -0.19
C THR B 313 7.53 -43.10 -0.13
N ARG B 314 8.07 -43.00 1.10
CA ARG B 314 9.50 -42.75 1.31
C ARG B 314 10.35 -43.82 0.66
N GLU B 315 9.87 -45.09 0.62
CA GLU B 315 10.59 -46.18 -0.03
C GLU B 315 10.67 -45.93 -1.53
N GLN B 316 9.54 -45.56 -2.18
CA GLN B 316 9.50 -45.22 -3.61
C GLN B 316 10.50 -44.11 -3.93
N VAL B 317 10.60 -43.11 -3.04
CA VAL B 317 11.49 -41.96 -3.19
C VAL B 317 12.95 -42.37 -2.98
N LEU B 318 13.25 -43.11 -1.89
CA LEU B 318 14.59 -43.59 -1.58
C LEU B 318 15.15 -44.42 -2.73
N ASP B 319 14.28 -45.20 -3.42
CA ASP B 319 14.65 -45.99 -4.58
C ASP B 319 15.13 -45.09 -5.71
N VAL B 320 14.42 -43.99 -5.95
CA VAL B 320 14.75 -43.03 -7.01
C VAL B 320 16.03 -42.27 -6.71
N LEU B 321 16.19 -41.78 -5.47
CA LEU B 321 17.38 -41.01 -5.06
C LEU B 321 18.67 -41.83 -5.07
N THR B 322 18.54 -43.17 -5.04
CA THR B 322 19.70 -44.07 -5.09
C THR B 322 19.81 -44.60 -6.52
N LYS B 323 19.21 -45.76 -6.81
CA LYS B 323 19.21 -46.38 -8.13
C LYS B 323 18.11 -47.43 -8.21
N GLY B 324 16.90 -46.97 -8.53
CA GLY B 324 15.71 -47.82 -8.65
C GLY B 324 15.78 -48.82 -9.78
N GLN B 327 12.88 -47.97 -11.34
CA GLN B 327 11.62 -47.41 -10.89
C GLN B 327 10.77 -46.88 -12.05
N ALA B 328 9.45 -46.76 -11.83
CA ALA B 328 8.49 -46.27 -12.81
C ALA B 328 8.44 -44.74 -12.88
N PHE B 329 9.28 -44.05 -12.08
CA PHE B 329 9.36 -42.60 -12.07
C PHE B 329 10.73 -42.11 -11.67
N PHE B 330 11.02 -40.84 -11.94
CA PHE B 330 12.28 -40.21 -11.58
C PHE B 330 12.05 -38.75 -11.26
N VAL B 331 12.94 -38.18 -10.46
CA VAL B 331 12.83 -36.82 -9.99
C VAL B 331 13.83 -35.89 -10.70
N PRO B 332 13.77 -34.55 -10.49
CA PRO B 332 14.72 -33.66 -11.17
C PRO B 332 16.17 -33.88 -10.70
N PRO B 333 17.16 -33.31 -11.44
CA PRO B 333 18.55 -33.47 -11.01
C PRO B 333 18.81 -32.77 -9.69
N SER B 334 19.92 -33.12 -9.04
CA SER B 334 20.35 -32.56 -7.77
C SER B 334 20.61 -31.05 -7.82
N ARG B 335 20.87 -30.51 -9.02
CA ARG B 335 21.13 -29.09 -9.22
C ARG B 335 19.82 -28.28 -9.37
N ALA B 336 18.66 -28.91 -9.09
CA ALA B 336 17.33 -28.28 -9.09
C ALA B 336 16.83 -28.34 -7.67
N ILE B 337 16.28 -27.21 -7.16
CA ILE B 337 15.78 -27.08 -5.79
C ILE B 337 14.80 -28.19 -5.40
N ALA B 338 13.87 -28.58 -6.31
CA ALA B 338 12.89 -29.63 -6.08
C ALA B 338 13.54 -30.88 -5.50
N HIS B 339 14.67 -31.30 -6.09
CA HIS B 339 15.44 -32.45 -5.64
C HIS B 339 15.94 -32.29 -4.22
N GLN B 340 16.39 -31.08 -3.86
CA GLN B 340 16.92 -30.78 -2.53
C GLN B 340 15.88 -30.83 -1.43
N LEU B 341 14.62 -30.41 -1.74
CA LEU B 341 13.52 -30.45 -0.78
C LEU B 341 13.13 -31.90 -0.54
N ILE B 342 13.16 -32.72 -1.61
CA ILE B 342 12.86 -34.16 -1.56
C ILE B 342 13.91 -34.84 -0.67
N LYS B 343 15.19 -34.47 -0.84
CA LYS B 343 16.29 -34.98 -0.04
C LYS B 343 16.12 -34.56 1.41
N HIS B 344 15.70 -33.29 1.62
CA HIS B 344 15.46 -32.71 2.94
C HIS B 344 14.44 -33.50 3.76
N TRP B 345 13.31 -33.89 3.14
CA TRP B 345 12.26 -34.68 3.79
C TRP B 345 12.76 -36.04 4.26
N ILE B 346 13.63 -36.69 3.45
CA ILE B 346 14.20 -37.98 3.78
C ILE B 346 15.13 -37.87 4.99
N ARG B 347 15.91 -36.78 5.06
CA ARG B 347 16.81 -36.53 6.18
C ARG B 347 15.98 -36.21 7.43
N ILE B 348 14.96 -35.33 7.29
CA ILE B 348 14.07 -34.90 8.38
C ILE B 348 13.20 -36.04 8.94
N ASN B 349 13.06 -37.16 8.22
CA ASN B 349 12.24 -38.29 8.68
C ASN B 349 12.84 -39.00 9.90
N GLU C 5 -29.40 19.35 31.17
CA GLU C 5 -28.67 18.42 30.30
C GLU C 5 -27.30 18.94 29.91
N GLU C 6 -26.30 18.06 29.88
CA GLU C 6 -24.91 18.40 29.58
C GLU C 6 -24.59 17.90 28.17
N CYS C 7 -24.72 18.79 27.14
CA CYS C 7 -24.51 18.49 25.70
C CYS C 7 -23.47 17.39 25.48
N GLU C 8 -23.88 16.27 24.87
CA GLU C 8 -23.00 15.13 24.64
C GLU C 8 -22.73 14.77 23.19
N ASN C 9 -23.74 14.84 22.30
CA ASN C 9 -23.57 14.49 20.89
C ASN C 9 -22.42 15.24 20.24
N TYR C 10 -21.62 14.49 19.46
CA TYR C 10 -20.38 14.85 18.75
C TYR C 10 -20.18 16.34 18.46
N PHE C 11 -18.99 16.85 18.83
CA PHE C 11 -18.50 18.24 18.76
C PHE C 11 -18.81 19.03 20.02
N SER C 12 -19.59 18.44 20.95
CA SER C 12 -19.96 19.10 22.21
C SER C 12 -18.85 19.07 23.25
N LYS C 13 -17.94 18.10 23.13
CA LYS C 13 -16.85 17.92 24.10
C LYS C 13 -15.56 18.56 23.63
N THR C 14 -14.85 19.23 24.56
CA THR C 14 -13.55 19.84 24.28
C THR C 14 -12.55 19.40 25.32
N LEU C 15 -11.28 19.47 24.96
CA LEU C 15 -10.13 19.13 25.78
C LEU C 15 -9.63 20.41 26.46
N LEU C 16 -10.19 21.57 26.05
CA LEU C 16 -9.76 22.90 26.49
C LEU C 16 -10.75 23.75 27.26
N ASP C 17 -10.22 24.86 27.79
CA ASP C 17 -10.94 25.94 28.45
C ASP C 17 -10.62 27.10 27.54
N ARG C 18 -11.65 27.68 26.92
CA ARG C 18 -11.49 28.77 25.96
C ARG C 18 -10.67 29.94 26.47
N LYS C 19 -10.75 30.23 27.79
CA LYS C 19 -9.99 31.31 28.44
C LYS C 19 -10.01 32.58 27.61
N SER C 20 -11.21 33.15 27.41
CA SER C 20 -11.37 34.37 26.61
C SER C 20 -10.73 35.60 27.28
N GLU C 21 -10.41 35.51 28.59
CA GLU C 21 -9.76 36.58 29.35
C GLU C 21 -8.39 36.86 28.77
N LYS C 22 -7.65 35.79 28.42
CA LYS C 22 -6.30 35.85 27.91
C LYS C 22 -6.20 36.32 26.45
N ARG C 23 -7.34 36.54 25.78
CA ARG C 23 -7.39 36.99 24.38
C ARG C 23 -6.87 38.40 24.19
N ASN C 24 -7.23 39.34 25.09
CA ASN C 24 -6.76 40.72 25.01
C ASN C 24 -5.49 40.94 25.86
N ASN C 25 -4.73 39.85 26.11
CA ASN C 25 -3.50 39.89 26.88
C ASN C 25 -2.35 39.56 25.94
N SER C 26 -2.05 40.50 25.02
CA SER C 26 -1.02 40.38 23.98
C SER C 26 0.34 39.89 24.49
N ASP C 27 0.82 40.42 25.63
CA ASP C 27 2.11 40.01 26.20
C ASP C 27 2.13 38.55 26.62
N TRP C 28 1.01 38.05 27.16
CA TRP C 28 0.86 36.68 27.61
C TRP C 28 0.87 35.73 26.41
N LEU C 29 0.08 36.03 25.36
CA LEU C 29 -0.01 35.23 24.13
C LEU C 29 1.35 35.12 23.46
N LEU C 30 2.10 36.24 23.42
CA LEU C 30 3.44 36.28 22.84
C LEU C 30 4.40 35.34 23.59
N ALA C 31 4.32 35.32 24.94
CA ALA C 31 5.16 34.46 25.78
C ALA C 31 4.83 32.98 25.56
N LYS C 32 3.53 32.66 25.48
CA LYS C 32 3.06 31.29 25.26
C LYS C 32 3.31 30.79 23.85
N GLU C 33 3.40 31.71 22.86
CA GLU C 33 3.67 31.35 21.47
C GLU C 33 5.02 30.63 21.32
N SER C 34 6.03 31.08 22.07
CA SER C 34 7.38 30.53 22.04
C SER C 34 7.62 29.44 23.10
N HIS C 35 6.69 29.31 24.07
CA HIS C 35 6.78 28.32 25.15
C HIS C 35 6.82 26.88 24.58
N PRO C 36 7.70 26.00 25.11
CA PRO C 36 7.76 24.62 24.57
C PRO C 36 6.53 23.76 24.86
N ALA C 37 5.97 23.84 26.10
CA ALA C 37 4.79 23.06 26.51
C ALA C 37 3.56 23.33 25.63
N THR C 38 3.50 24.52 25.00
CA THR C 38 2.42 24.95 24.11
C THR C 38 2.20 23.99 22.95
N VAL C 39 0.92 23.63 22.73
CA VAL C 39 0.49 22.73 21.66
C VAL C 39 0.02 23.53 20.45
N PHE C 40 0.40 23.07 19.26
CA PHE C 40 0.00 23.68 17.99
C PHE C 40 -0.66 22.65 17.10
N ILE C 41 -1.71 23.06 16.39
CA ILE C 41 -2.42 22.21 15.45
C ILE C 41 -2.32 22.84 14.07
N LEU C 42 -1.89 22.05 13.10
CA LEU C 42 -1.74 22.52 11.73
C LEU C 42 -3.01 22.34 10.91
N PHE C 43 -3.32 23.34 10.09
CA PHE C 43 -4.49 23.36 9.22
C PHE C 43 -4.12 23.81 7.83
N SER C 44 -4.61 23.08 6.81
CA SER C 44 -4.42 23.45 5.41
C SER C 44 -5.77 23.38 4.76
N ASP C 45 -6.30 24.56 4.34
CA ASP C 45 -7.62 24.69 3.73
C ASP C 45 -8.68 24.11 4.67
N LEU C 46 -8.61 24.51 5.96
CA LEU C 46 -9.53 24.09 7.03
C LEU C 46 -9.48 22.58 7.33
N ASN C 47 -8.39 21.90 6.95
CA ASN C 47 -8.22 20.47 7.20
C ASN C 47 -7.12 20.26 8.20
N PRO C 48 -7.41 19.62 9.36
CA PRO C 48 -6.36 19.45 10.38
C PRO C 48 -5.36 18.34 10.08
N LEU C 49 -4.12 18.52 10.59
CA LEU C 49 -3.06 17.55 10.45
C LEU C 49 -3.22 16.52 11.53
N VAL C 50 -3.44 15.28 11.11
CA VAL C 50 -3.68 14.13 11.97
C VAL C 50 -2.73 12.97 11.68
N THR C 51 -2.26 12.32 12.74
CA THR C 51 -1.42 11.13 12.68
C THR C 51 -2.29 9.91 13.05
N LEU C 52 -1.67 8.74 13.27
CA LEU C 52 -2.40 7.52 13.59
C LEU C 52 -1.96 6.88 14.89
N LYS C 56 -1.16 3.85 18.77
CA LYS C 56 -0.23 2.75 18.97
C LYS C 56 -0.98 1.45 19.27
N GLU C 57 -1.68 0.92 18.25
CA GLU C 57 -2.49 -0.29 18.39
C GLU C 57 -1.89 -1.44 17.59
N SER C 58 -1.66 -2.57 18.27
CA SER C 58 -1.02 -3.76 17.70
C SER C 58 -1.98 -4.68 16.95
N PHE C 59 -1.87 -4.71 15.60
CA PHE C 59 -2.68 -5.58 14.72
C PHE C 59 -4.19 -5.40 14.96
N GLN C 60 -4.60 -4.15 15.19
CA GLN C 60 -5.98 -3.78 15.44
C GLN C 60 -6.22 -2.36 14.97
N GLN C 61 -7.50 -1.96 14.90
CA GLN C 61 -7.92 -0.64 14.44
C GLN C 61 -7.14 0.52 15.09
N PRO C 62 -6.34 1.27 14.30
CA PRO C 62 -5.64 2.44 14.86
C PRO C 62 -6.53 3.69 14.74
N GLU C 63 -6.66 4.45 15.82
CA GLU C 63 -7.52 5.65 15.82
C GLU C 63 -6.79 6.90 15.42
N VAL C 64 -7.53 7.82 14.80
CA VAL C 64 -7.04 9.09 14.29
C VAL C 64 -6.81 10.11 15.42
N ARG C 65 -5.60 10.68 15.47
CA ARG C 65 -5.20 11.67 16.47
C ARG C 65 -4.63 12.89 15.79
N LEU C 66 -4.73 14.07 16.41
CA LEU C 66 -4.19 15.31 15.85
C LEU C 66 -2.69 15.38 16.11
N CYS C 67 -1.89 15.56 15.03
CA CYS C 67 -0.42 15.69 15.04
C CYS C 67 -0.10 16.97 15.85
N GLN C 68 0.09 16.82 17.19
CA GLN C 68 0.33 17.91 18.14
C GLN C 68 1.72 18.51 18.02
N LEU C 69 1.84 19.59 17.25
CA LEU C 69 3.11 20.28 17.01
C LEU C 69 3.55 21.17 18.17
N ASN C 70 4.85 21.50 18.18
CA ASN C 70 5.46 22.37 19.18
C ASN C 70 6.16 23.53 18.49
N TYR C 71 6.63 24.52 19.27
CA TYR C 71 7.33 25.69 18.75
C TYR C 71 8.55 25.32 17.92
N THR C 72 9.28 24.26 18.33
CA THR C 72 10.45 23.75 17.62
C THR C 72 10.19 23.51 16.15
N ASP C 73 9.03 22.92 15.82
CA ASP C 73 8.67 22.65 14.43
C ASP C 73 8.16 23.87 13.71
N ILE C 74 7.18 24.54 14.32
CA ILE C 74 6.43 25.66 13.77
C ILE C 74 7.15 27.02 13.75
N LYS C 75 8.30 27.15 14.45
CA LYS C 75 9.05 28.41 14.51
C LYS C 75 9.32 29.04 13.15
N ASP C 76 9.60 28.21 12.12
CA ASP C 76 9.91 28.67 10.77
C ASP C 76 8.71 29.30 10.10
N TYR C 77 7.54 28.64 10.18
CA TYR C 77 6.30 29.14 9.56
C TYR C 77 5.83 30.48 10.12
N LEU C 78 6.12 30.75 11.41
CA LEU C 78 5.72 31.98 12.09
C LEU C 78 6.44 33.23 11.59
N ALA C 79 7.63 33.05 10.96
CA ALA C 79 8.42 34.16 10.42
C ALA C 79 7.71 34.91 9.29
N GLN C 80 6.69 34.29 8.64
CA GLN C 80 5.88 34.91 7.60
C GLN C 80 4.45 35.12 8.15
N PRO C 81 4.20 36.16 8.97
CA PRO C 81 2.85 36.33 9.54
C PRO C 81 1.79 36.74 8.53
N GLU C 82 2.22 37.26 7.37
CA GLU C 82 1.30 37.65 6.31
C GLU C 82 0.77 36.43 5.57
N LYS C 83 1.57 35.33 5.54
CA LYS C 83 1.21 34.10 4.85
C LYS C 83 0.54 33.05 5.75
N ILE C 84 0.32 33.38 7.03
CA ILE C 84 -0.29 32.45 7.98
C ILE C 84 -1.45 33.08 8.76
N THR C 85 -2.18 32.25 9.53
CA THR C 85 -3.29 32.66 10.37
C THR C 85 -3.22 31.88 11.67
N LEU C 86 -2.89 32.57 12.77
CA LEU C 86 -2.76 31.95 14.08
C LEU C 86 -3.90 32.35 15.02
N ILE C 87 -4.55 31.34 15.63
CA ILE C 87 -5.66 31.50 16.55
C ILE C 87 -5.36 30.82 17.88
N PHE C 88 -5.58 31.55 18.98
CA PHE C 88 -5.42 30.98 20.31
C PHE C 88 -6.71 30.25 20.65
N LEU C 89 -6.62 28.93 20.81
CA LEU C 89 -7.79 28.11 21.13
C LEU C 89 -8.19 28.18 22.59
N GLY C 90 -7.24 27.89 23.47
CA GLY C 90 -7.45 27.92 24.91
C GLY C 90 -6.40 27.17 25.67
N VAL C 91 -6.65 26.94 26.95
CA VAL C 91 -5.74 26.22 27.83
C VAL C 91 -6.34 24.88 28.22
N GLU C 92 -5.51 23.84 28.21
CA GLU C 92 -5.88 22.46 28.55
C GLU C 92 -6.43 22.34 29.98
N LEU C 93 -7.34 21.38 30.21
CA LEU C 93 -7.91 21.08 31.51
C LEU C 93 -7.16 19.89 32.11
N GLU C 111 5.53 31.50 36.67
CA GLU C 111 4.92 31.12 35.40
C GLU C 111 3.62 30.36 35.64
N ASP C 112 2.51 30.86 35.05
CA ASP C 112 1.19 30.25 35.16
C ASP C 112 1.17 28.97 34.33
N GLY C 113 1.37 27.83 35.01
CA GLY C 113 1.43 26.51 34.39
C GLY C 113 0.15 26.08 33.69
N LEU C 114 -0.07 26.59 32.47
CA LEU C 114 -1.24 26.31 31.65
C LEU C 114 -0.77 25.86 30.29
N VAL C 115 -1.36 24.77 29.77
CA VAL C 115 -0.98 24.25 28.46
C VAL C 115 -1.79 24.99 27.40
N ALA C 116 -1.19 26.05 26.83
CA ALA C 116 -1.83 26.84 25.78
C ALA C 116 -1.89 26.06 24.47
N TRP C 117 -3.01 26.16 23.76
CA TRP C 117 -3.23 25.51 22.48
C TRP C 117 -3.51 26.54 21.42
N PHE C 118 -2.86 26.38 20.27
CA PHE C 118 -3.02 27.28 19.14
C PHE C 118 -3.37 26.53 17.88
N ALA C 119 -3.95 27.24 16.91
CA ALA C 119 -4.32 26.70 15.60
C ALA C 119 -3.61 27.54 14.53
N LEU C 120 -2.98 26.87 13.58
CA LEU C 120 -2.24 27.54 12.51
C LEU C 120 -2.69 27.13 11.11
N GLY C 121 -3.14 28.12 10.35
CA GLY C 121 -3.55 27.96 8.96
C GLY C 121 -2.41 28.32 8.05
N ILE C 122 -2.14 27.48 7.05
CA ILE C 122 -1.00 27.66 6.15
C ILE C 122 -1.39 27.52 4.68
N ASP C 123 -0.51 28.01 3.80
CA ASP C 123 -0.70 27.91 2.35
C ASP C 123 -0.64 26.45 1.92
N PRO C 124 -1.46 26.03 0.93
CA PRO C 124 -1.39 24.63 0.46
C PRO C 124 -0.07 24.33 -0.27
N ILE C 125 0.68 25.40 -0.64
CA ILE C 125 1.98 25.28 -1.30
C ILE C 125 3.04 24.89 -0.26
N ALA C 126 2.94 25.47 0.95
CA ALA C 126 3.84 25.21 2.07
C ALA C 126 3.35 24.03 2.89
N ALA C 127 2.07 23.63 2.72
CA ALA C 127 1.48 22.51 3.45
C ALA C 127 1.96 21.18 2.93
N GLU C 128 1.92 20.97 1.59
CA GLU C 128 2.39 19.74 0.97
C GLU C 128 3.91 19.58 1.17
N GLU C 129 4.60 20.70 1.46
CA GLU C 129 6.02 20.72 1.76
C GLU C 129 6.19 20.14 3.17
N PHE C 130 5.30 20.53 4.11
CA PHE C 130 5.30 20.06 5.48
C PHE C 130 4.90 18.59 5.55
N LYS C 131 3.86 18.19 4.77
CA LYS C 131 3.36 16.82 4.71
C LYS C 131 4.45 15.83 4.32
N GLN C 132 5.41 16.26 3.48
CA GLN C 132 6.54 15.44 3.07
C GLN C 132 7.47 15.18 4.24
N ARG C 133 7.68 16.19 5.10
CA ARG C 133 8.53 16.06 6.29
C ARG C 133 7.83 15.23 7.36
N HIS C 134 6.50 15.39 7.52
CA HIS C 134 5.71 14.66 8.50
C HIS C 134 5.65 13.18 8.18
N GLU C 135 5.25 12.81 6.93
CA GLU C 135 5.12 11.44 6.40
C GLU C 135 4.08 10.58 7.14
N ASN C 136 4.14 10.53 8.48
CA ASN C 136 3.20 9.79 9.30
C ASN C 136 1.97 10.64 9.61
N CYS C 137 2.14 11.96 9.74
CA CYS C 137 1.02 12.87 9.94
C CYS C 137 0.48 13.17 8.53
N TYR C 138 -0.84 13.37 8.41
CA TYR C 138 -1.52 13.68 7.15
C TYR C 138 -2.76 14.54 7.41
N PHE C 139 -3.23 15.25 6.40
CA PHE C 139 -4.40 16.12 6.53
C PHE C 139 -5.71 15.38 6.36
N LEU C 140 -6.59 15.52 7.37
CA LEU C 140 -7.90 14.89 7.41
C LEU C 140 -8.88 15.61 6.49
N HIS C 141 -8.94 15.18 5.23
CA HIS C 141 -9.84 15.72 4.22
C HIS C 141 -10.57 14.55 3.53
N PRO C 142 -11.84 14.69 3.10
CA PRO C 142 -12.72 15.86 3.16
C PRO C 142 -13.32 16.08 4.55
N PRO C 143 -13.89 17.27 4.86
CA PRO C 143 -14.48 17.48 6.19
C PRO C 143 -15.59 16.49 6.53
N MET C 144 -16.31 16.01 5.50
CA MET C 144 -17.39 15.05 5.70
C MET C 144 -17.25 13.80 4.84
N PRO C 145 -17.26 12.61 5.47
CA PRO C 145 -17.45 12.34 6.91
C PRO C 145 -16.16 12.25 7.75
N ALA C 146 -14.97 12.50 7.15
CA ALA C 146 -13.68 12.36 7.84
C ALA C 146 -13.61 12.97 9.23
N LEU C 147 -14.22 14.16 9.44
CA LEU C 147 -14.20 14.81 10.76
C LEU C 147 -14.91 14.03 11.85
N LEU C 148 -15.72 13.02 11.48
CA LEU C 148 -16.42 12.20 12.46
C LEU C 148 -15.53 11.09 13.04
N GLN C 149 -14.26 10.98 12.59
CA GLN C 149 -13.33 9.94 13.03
C GLN C 149 -12.58 10.26 14.33
N LEU C 150 -12.36 11.56 14.61
CA LEU C 150 -11.62 12.06 15.78
C LEU C 150 -12.20 11.61 17.11
N LYS C 151 -11.39 11.76 18.17
CA LYS C 151 -11.78 11.40 19.54
C LYS C 151 -12.81 12.41 20.02
N GLU C 152 -13.70 11.99 20.94
CA GLU C 152 -14.76 12.83 21.50
C GLU C 152 -14.27 14.23 21.93
N LYS C 153 -13.22 14.29 22.76
CA LYS C 153 -12.69 15.56 23.24
C LYS C 153 -11.87 16.31 22.19
N GLU C 154 -11.31 15.60 21.20
CA GLU C 154 -10.55 16.26 20.14
C GLU C 154 -11.50 16.95 19.18
N ALA C 155 -12.70 16.34 18.96
CA ALA C 155 -13.75 16.85 18.07
C ALA C 155 -14.06 18.32 18.29
N GLY C 156 -14.43 18.69 19.52
CA GLY C 156 -14.76 20.07 19.88
C GLY C 156 -13.65 21.05 19.61
N VAL C 157 -12.40 20.62 19.84
CA VAL C 157 -11.19 21.43 19.60
C VAL C 157 -11.07 21.73 18.09
N VAL C 158 -11.43 20.75 17.26
CA VAL C 158 -11.42 20.90 15.81
C VAL C 158 -12.60 21.77 15.40
N ALA C 159 -13.80 21.53 15.99
CA ALA C 159 -15.01 22.30 15.73
C ALA C 159 -14.77 23.78 15.98
N GLN C 160 -14.13 24.11 17.10
CA GLN C 160 -13.79 25.48 17.48
C GLN C 160 -12.78 26.07 16.49
N ALA C 161 -11.70 25.32 16.20
CA ALA C 161 -10.63 25.76 15.30
C ALA C 161 -11.09 25.98 13.88
N ARG C 162 -11.71 24.95 13.25
CA ARG C 162 -12.20 25.03 11.87
C ARG C 162 -13.15 26.20 11.68
N SER C 163 -14.12 26.38 12.61
CA SER C 163 -15.10 27.46 12.57
C SER C 163 -14.47 28.85 12.53
N VAL C 164 -13.50 29.11 13.43
CA VAL C 164 -12.82 30.40 13.51
C VAL C 164 -11.94 30.66 12.30
N LEU C 165 -11.17 29.64 11.86
CA LEU C 165 -10.30 29.74 10.69
C LEU C 165 -11.10 30.00 9.44
N ALA C 166 -12.30 29.38 9.33
CA ALA C 166 -13.18 29.56 8.18
C ALA C 166 -13.72 30.97 8.09
N TRP C 167 -13.90 31.62 9.26
CA TRP C 167 -14.35 33.00 9.33
C TRP C 167 -13.25 33.91 8.79
N HIS C 168 -12.00 33.69 9.22
CA HIS C 168 -10.85 34.48 8.77
C HIS C 168 -10.58 34.29 7.27
N SER C 169 -10.73 33.06 6.76
CA SER C 169 -10.49 32.74 5.35
C SER C 169 -11.48 33.39 4.38
N ARG C 170 -12.72 33.67 4.83
CA ARG C 170 -13.77 34.22 3.98
C ARG C 170 -14.28 35.61 4.39
N TYR C 171 -13.75 36.16 5.48
CA TYR C 171 -14.13 37.50 5.95
C TYR C 171 -12.89 38.38 6.05
N LYS C 172 -11.99 38.22 5.06
CA LYS C 172 -10.72 38.96 4.95
C LYS C 172 -10.93 40.46 4.80
N PHE C 173 -12.11 40.87 4.31
CA PHE C 173 -12.45 42.26 4.06
C PHE C 173 -13.61 42.73 4.93
N CYS C 174 -13.77 44.05 5.03
CA CYS C 174 -14.85 44.67 5.77
C CYS C 174 -16.10 44.72 4.88
N PRO C 175 -17.22 44.12 5.30
CA PRO C 175 -18.43 44.18 4.45
C PRO C 175 -19.10 45.56 4.40
N THR C 176 -18.79 46.44 5.37
CA THR C 176 -19.37 47.78 5.42
C THR C 176 -18.81 48.70 4.34
N CYS C 177 -17.47 48.75 4.20
CA CYS C 177 -16.81 49.65 3.25
C CYS C 177 -15.99 48.93 2.17
N GLY C 178 -15.65 47.67 2.38
CA GLY C 178 -14.88 46.89 1.41
C GLY C 178 -13.39 46.81 1.66
N ASN C 179 -12.84 47.69 2.52
CA ASN C 179 -11.41 47.71 2.82
C ASN C 179 -10.96 46.50 3.63
N ALA C 180 -9.65 46.20 3.56
CA ALA C 180 -9.03 45.08 4.27
C ALA C 180 -9.13 45.23 5.78
N THR C 181 -9.04 44.09 6.49
CA THR C 181 -9.16 44.03 7.94
C THR C 181 -7.97 43.40 8.63
N LYS C 182 -7.69 43.87 9.86
CA LYS C 182 -6.61 43.43 10.73
C LYS C 182 -7.15 42.42 11.73
N ILE C 183 -6.40 41.34 11.97
CA ILE C 183 -6.77 40.30 12.93
C ILE C 183 -6.33 40.77 14.31
N GLU C 184 -7.22 40.61 15.31
CA GLU C 184 -6.92 41.01 16.68
C GLU C 184 -7.61 40.15 17.71
N GLU C 185 -7.32 40.41 18.99
CA GLU C 185 -7.89 39.73 20.16
C GLU C 185 -7.68 38.20 20.10
N GLY C 186 -6.47 37.80 19.71
CA GLY C 186 -6.08 36.40 19.57
C GLY C 186 -6.79 35.63 18.47
N GLY C 187 -7.40 36.34 17.53
CA GLY C 187 -8.11 35.75 16.40
C GLY C 187 -9.61 35.63 16.56
N TYR C 188 -10.20 36.45 17.44
CA TYR C 188 -11.65 36.45 17.69
C TYR C 188 -12.26 37.82 17.41
N LYS C 189 -11.53 38.62 16.62
CA LYS C 189 -11.94 39.97 16.22
C LYS C 189 -11.20 40.37 14.96
N ARG C 190 -11.82 41.25 14.17
CA ARG C 190 -11.27 41.79 12.94
C ARG C 190 -11.64 43.25 12.84
N LEU C 191 -10.62 44.11 12.70
CA LEU C 191 -10.80 45.55 12.64
C LEU C 191 -10.55 46.13 11.27
N CYS C 192 -11.44 47.03 10.83
CA CYS C 192 -11.31 47.72 9.55
C CYS C 192 -10.22 48.79 9.65
N LEU C 193 -9.38 48.88 8.61
CA LEU C 193 -8.25 49.80 8.56
C LEU C 193 -8.61 51.20 8.02
N LYS C 194 -9.81 51.35 7.41
CA LYS C 194 -10.25 52.65 6.90
C LYS C 194 -10.76 53.44 8.11
N GLU C 195 -10.05 54.51 8.46
CA GLU C 195 -10.35 55.36 9.63
C GLU C 195 -11.80 55.82 9.72
N ASP C 196 -12.34 56.35 8.62
CA ASP C 196 -13.71 56.90 8.56
C ASP C 196 -14.83 55.86 8.51
N CYS C 197 -14.48 54.55 8.52
CA CYS C 197 -15.45 53.46 8.46
C CYS C 197 -16.43 53.48 9.65
N PRO C 198 -17.75 53.31 9.40
CA PRO C 198 -18.72 53.30 10.51
C PRO C 198 -18.62 52.08 11.43
N SER C 199 -17.90 51.00 11.03
CA SER C 199 -17.75 49.80 11.85
C SER C 199 -16.93 50.08 13.10
N LEU C 200 -16.01 51.06 13.02
CA LEU C 200 -15.14 51.45 14.12
C LEU C 200 -15.83 52.35 15.15
N ASN C 201 -17.02 52.85 14.80
CA ASN C 201 -17.81 53.69 15.69
C ASN C 201 -18.97 52.87 16.25
N GLY C 202 -18.72 52.25 17.40
CA GLY C 202 -19.68 51.41 18.08
C GLY C 202 -19.29 49.95 18.02
N VAL C 203 -20.20 49.07 18.47
CA VAL C 203 -19.98 47.63 18.52
C VAL C 203 -20.98 46.95 17.59
N HIS C 204 -20.46 46.34 16.52
CA HIS C 204 -21.28 45.68 15.51
C HIS C 204 -20.81 44.25 15.27
N ASN C 205 -21.69 43.40 14.71
CA ASN C 205 -21.37 42.00 14.41
C ASN C 205 -20.33 41.81 13.33
N THR C 206 -20.10 42.82 12.48
CA THR C 206 -19.10 42.74 11.40
C THR C 206 -17.70 42.40 11.94
N SER C 207 -17.38 42.87 13.16
CA SER C 207 -16.09 42.65 13.79
C SER C 207 -15.91 41.27 14.43
N TYR C 208 -17.01 40.63 14.83
CA TYR C 208 -16.98 39.36 15.55
C TYR C 208 -17.26 38.12 14.66
N PRO C 209 -16.87 36.90 15.11
CA PRO C 209 -17.08 35.71 14.28
C PRO C 209 -18.53 35.26 14.17
N ARG C 210 -18.88 34.66 13.03
CA ARG C 210 -20.22 34.20 12.70
C ARG C 210 -20.56 32.83 13.24
N VAL C 211 -21.82 32.67 13.66
CA VAL C 211 -22.43 31.43 14.15
C VAL C 211 -23.80 31.36 13.50
N ASP C 212 -24.00 30.37 12.63
CA ASP C 212 -25.27 30.21 11.91
C ASP C 212 -26.25 29.27 12.61
N PRO C 213 -27.39 29.79 13.15
CA PRO C 213 -28.33 28.91 13.85
C PRO C 213 -29.19 28.10 12.90
N VAL C 214 -29.27 26.80 13.16
CA VAL C 214 -30.03 25.84 12.35
C VAL C 214 -30.94 25.07 13.28
N VAL C 215 -32.19 24.85 12.85
CA VAL C 215 -33.15 24.05 13.61
C VAL C 215 -33.27 22.71 12.91
N ILE C 216 -33.16 21.62 13.67
CA ILE C 216 -33.31 20.26 13.18
C ILE C 216 -34.41 19.62 14.03
N MET C 217 -35.45 19.11 13.39
CA MET C 217 -36.59 18.62 14.15
C MET C 217 -37.09 17.24 13.77
N GLN C 218 -37.48 16.48 14.81
CA GLN C 218 -38.05 15.15 14.70
C GLN C 218 -39.56 15.35 14.88
N VAL C 219 -40.30 15.27 13.76
CA VAL C 219 -41.75 15.50 13.71
C VAL C 219 -42.53 14.21 13.95
N ILE C 220 -43.42 14.22 14.96
CA ILE C 220 -44.23 13.07 15.34
C ILE C 220 -45.64 13.20 14.80
N HIS C 221 -46.14 12.10 14.19
CA HIS C 221 -47.48 11.99 13.63
C HIS C 221 -48.55 12.29 14.69
N PRO C 222 -49.72 12.87 14.29
CA PRO C 222 -50.79 13.15 15.28
C PRO C 222 -51.26 11.93 16.11
N ASP C 223 -50.99 10.69 15.65
CA ASP C 223 -51.36 9.48 16.39
C ASP C 223 -50.17 8.95 17.23
N GLY C 224 -49.01 9.59 17.10
CA GLY C 224 -47.78 9.27 17.82
C GLY C 224 -47.03 8.01 17.41
N THR C 225 -47.58 7.22 16.47
CA THR C 225 -46.94 5.96 16.05
C THR C 225 -45.95 6.13 14.91
N LYS C 226 -46.00 7.29 14.22
CA LYS C 226 -45.11 7.55 13.08
C LYS C 226 -44.33 8.84 13.26
N CYS C 227 -43.29 9.01 12.45
CA CYS C 227 -42.44 10.18 12.43
C CYS C 227 -42.07 10.54 10.99
N LEU C 228 -41.88 11.83 10.74
CA LEU C 228 -41.56 12.35 9.41
C LEU C 228 -40.06 12.50 9.20
N LEU C 229 -39.58 11.95 8.07
CA LEU C 229 -38.18 12.02 7.65
C LEU C 229 -38.15 12.29 6.15
N GLY C 230 -37.12 13.00 5.71
CA GLY C 230 -36.97 13.36 4.31
C GLY C 230 -35.54 13.41 3.83
N ARG C 231 -35.38 13.75 2.54
CA ARG C 231 -34.07 13.83 1.91
C ARG C 231 -34.02 14.83 0.76
N GLN C 232 -32.85 15.44 0.56
CA GLN C 232 -32.59 16.34 -0.55
C GLN C 232 -32.04 15.47 -1.69
N LYS C 233 -31.71 16.08 -2.84
CA LYS C 233 -31.15 15.35 -3.98
C LYS C 233 -29.71 14.92 -3.71
N ARG C 234 -28.92 15.81 -3.07
CA ARG C 234 -27.51 15.57 -2.74
C ARG C 234 -27.30 14.41 -1.79
N PHE C 235 -28.28 14.20 -0.88
CA PHE C 235 -28.28 13.15 0.11
C PHE C 235 -27.99 11.77 -0.47
N PRO C 236 -27.19 10.93 0.25
CA PRO C 236 -26.87 9.60 -0.28
C PRO C 236 -28.11 8.76 -0.58
N PRO C 237 -28.07 7.92 -1.64
CA PRO C 237 -29.26 7.11 -1.99
C PRO C 237 -29.85 6.26 -0.86
N GLY C 238 -31.18 6.35 -0.71
CA GLY C 238 -31.94 5.61 0.28
C GLY C 238 -31.81 6.05 1.72
N MET C 239 -31.17 7.20 1.96
CA MET C 239 -30.98 7.73 3.31
C MET C 239 -31.97 8.84 3.63
N PHE C 240 -32.73 8.68 4.72
CA PHE C 240 -33.72 9.65 5.21
C PHE C 240 -33.27 10.17 6.55
N THR C 241 -33.44 11.48 6.76
CA THR C 241 -33.03 12.16 7.99
C THR C 241 -34.11 13.11 8.48
N CYS C 242 -33.87 13.73 9.65
CA CYS C 242 -34.72 14.75 10.23
C CYS C 242 -34.72 15.98 9.33
N LEU C 243 -35.86 16.70 9.29
CA LEU C 243 -35.98 17.92 8.53
C LEU C 243 -35.29 19.04 9.28
N ALA C 244 -34.54 19.86 8.55
CA ALA C 244 -33.79 20.98 9.14
C ALA C 244 -33.76 22.19 8.25
N GLY C 245 -33.49 23.34 8.85
CA GLY C 245 -33.42 24.61 8.15
C GLY C 245 -32.80 25.70 8.98
N PHE C 246 -32.30 26.75 8.31
CA PHE C 246 -31.68 27.90 8.95
C PHE C 246 -32.73 28.82 9.52
N ILE C 247 -32.48 29.33 10.74
CA ILE C 247 -33.39 30.27 11.37
C ILE C 247 -33.30 31.60 10.64
N GLU C 248 -34.46 32.11 10.22
CA GLU C 248 -34.59 33.38 9.53
C GLU C 248 -34.29 34.55 10.47
N PRO C 249 -33.84 35.71 9.95
CA PRO C 249 -33.62 36.88 10.83
C PRO C 249 -34.95 37.40 11.36
N GLY C 250 -35.01 37.65 12.66
CA GLY C 250 -36.22 38.12 13.34
C GLY C 250 -37.24 37.02 13.56
N GLU C 251 -36.77 35.76 13.55
CA GLU C 251 -37.61 34.57 13.74
C GLU C 251 -37.21 33.82 15.01
N THR C 252 -38.19 33.17 15.65
CA THR C 252 -37.98 32.36 16.84
C THR C 252 -37.63 30.93 16.48
N ILE C 253 -37.01 30.21 17.42
CA ILE C 253 -36.63 28.81 17.26
C ILE C 253 -37.88 27.99 16.94
N GLU C 254 -38.93 28.08 17.78
CA GLU C 254 -40.17 27.33 17.61
C GLU C 254 -40.85 27.59 16.29
N ASP C 255 -40.93 28.86 15.87
CA ASP C 255 -41.59 29.22 14.61
C ASP C 255 -40.77 28.88 13.38
N ALA C 256 -39.44 28.73 13.53
CA ALA C 256 -38.57 28.32 12.42
C ALA C 256 -38.79 26.85 12.13
N VAL C 257 -39.16 26.07 13.17
CA VAL C 257 -39.49 24.65 13.06
C VAL C 257 -40.83 24.54 12.34
N ARG C 258 -41.85 25.26 12.83
CA ARG C 258 -43.19 25.29 12.23
C ARG C 258 -43.14 25.77 10.78
N ARG C 259 -42.17 26.64 10.45
CA ARG C 259 -42.02 27.15 9.10
C ARG C 259 -41.47 26.10 8.14
N GLU C 260 -40.22 25.66 8.34
CA GLU C 260 -39.53 24.70 7.46
C GLU C 260 -40.27 23.39 7.23
N VAL C 261 -40.92 22.82 8.26
CA VAL C 261 -41.67 21.58 8.10
C VAL C 261 -42.80 21.78 7.08
N GLU C 262 -43.56 22.86 7.21
CA GLU C 262 -44.65 23.17 6.30
C GLU C 262 -44.12 23.56 4.93
N GLU C 263 -43.00 24.30 4.88
CA GLU C 263 -42.40 24.73 3.62
C GLU C 263 -41.91 23.55 2.78
N GLU C 264 -41.19 22.62 3.41
CA GLU C 264 -40.65 21.46 2.72
C GLU C 264 -41.69 20.38 2.46
N SER C 265 -42.32 19.87 3.53
CA SER C 265 -43.26 18.76 3.45
C SER C 265 -44.75 19.11 3.36
N GLY C 266 -45.14 20.32 3.75
CA GLY C 266 -46.55 20.72 3.75
C GLY C 266 -47.30 20.16 4.94
N VAL C 267 -46.57 19.81 6.02
CA VAL C 267 -47.15 19.28 7.25
C VAL C 267 -47.19 20.40 8.30
N LYS C 268 -48.40 20.68 8.83
CA LYS C 268 -48.60 21.70 9.87
C LYS C 268 -48.18 21.15 11.22
N VAL C 269 -47.48 21.98 12.02
CA VAL C 269 -46.93 21.59 13.32
C VAL C 269 -47.61 22.27 14.52
N GLY C 270 -47.74 21.50 15.60
CA GLY C 270 -48.29 21.96 16.87
C GLY C 270 -47.21 22.28 17.88
N HIS C 271 -47.05 21.42 18.90
CA HIS C 271 -46.04 21.60 19.95
C HIS C 271 -44.63 21.41 19.40
N VAL C 272 -43.70 22.32 19.76
CA VAL C 272 -42.31 22.27 19.34
C VAL C 272 -41.47 22.36 20.60
N GLN C 273 -40.83 21.24 20.98
CA GLN C 273 -40.03 21.18 22.19
C GLN C 273 -38.55 20.99 21.89
N TYR C 274 -37.69 21.86 22.46
CA TYR C 274 -36.24 21.77 22.29
C TYR C 274 -35.71 20.55 23.04
N VAL C 275 -34.76 19.84 22.42
CA VAL C 275 -34.19 18.63 23.01
C VAL C 275 -32.67 18.70 23.13
N ALA C 276 -31.94 18.99 22.05
CA ALA C 276 -30.49 18.95 22.11
C ALA C 276 -29.74 20.02 21.34
N CYS C 277 -28.46 20.14 21.66
CA CYS C 277 -27.44 21.09 21.18
C CYS C 277 -26.40 20.29 20.42
N GLN C 278 -26.00 20.74 19.21
CA GLN C 278 -24.91 20.10 18.46
C GLN C 278 -24.21 21.07 17.52
N PRO C 279 -22.96 21.48 17.82
CA PRO C 279 -22.25 22.36 16.87
C PRO C 279 -21.94 21.60 15.59
N TRP C 280 -21.98 22.31 14.46
CA TRP C 280 -21.72 21.74 13.15
C TRP C 280 -20.68 22.58 12.42
N PRO C 281 -19.39 22.18 12.48
CA PRO C 281 -18.34 23.00 11.86
C PRO C 281 -18.28 22.85 10.35
N MET C 282 -19.38 23.22 9.67
CA MET C 282 -19.50 23.14 8.22
C MET C 282 -19.98 24.45 7.57
N PRO C 283 -19.29 25.61 7.74
CA PRO C 283 -18.09 25.86 8.56
C PRO C 283 -18.41 26.26 10.00
N SER C 284 -19.51 27.02 10.18
CA SER C 284 -20.00 27.47 11.47
C SER C 284 -21.51 27.35 11.45
N SER C 285 -22.03 26.48 12.31
CA SER C 285 -23.45 26.20 12.44
C SER C 285 -23.72 25.61 13.81
N LEU C 286 -24.91 25.85 14.33
CA LEU C 286 -25.32 25.32 15.62
C LEU C 286 -26.67 24.64 15.48
N MET C 287 -26.66 23.30 15.48
CA MET C 287 -27.87 22.49 15.36
C MET C 287 -28.68 22.57 16.63
N ILE C 288 -29.95 23.00 16.50
CA ILE C 288 -30.87 23.13 17.62
C ILE C 288 -31.95 22.07 17.45
N GLY C 289 -31.67 20.88 17.99
CA GLY C 289 -32.56 19.72 17.93
C GLY C 289 -33.87 19.92 18.66
N CYS C 290 -34.99 19.65 17.97
CA CYS C 290 -36.33 19.78 18.53
C CYS C 290 -37.21 18.58 18.23
N LEU C 291 -38.11 18.26 19.16
CA LEU C 291 -39.11 17.21 19.02
C LEU C 291 -40.44 17.93 18.88
N ALA C 292 -41.03 17.84 17.69
CA ALA C 292 -42.29 18.51 17.38
C ALA C 292 -43.45 17.55 17.14
N LEU C 293 -44.64 17.91 17.61
CA LEU C 293 -45.86 17.11 17.42
C LEU C 293 -46.65 17.73 16.27
N ALA C 294 -46.83 16.97 15.19
CA ALA C 294 -47.55 17.43 14.00
C ALA C 294 -49.05 17.42 14.24
N VAL C 295 -49.75 18.32 13.55
CA VAL C 295 -51.21 18.47 13.66
C VAL C 295 -51.93 18.07 12.35
N SER C 296 -51.16 17.75 11.30
CA SER C 296 -51.71 17.30 10.02
C SER C 296 -51.10 15.98 9.60
N THR C 297 -51.61 15.37 8.52
CA THR C 297 -51.14 14.07 8.03
C THR C 297 -50.72 14.07 6.56
N GLU C 298 -51.26 15.00 5.75
CA GLU C 298 -50.96 15.07 4.32
C GLU C 298 -49.57 15.63 4.05
N ILE C 299 -48.88 15.04 3.06
CA ILE C 299 -47.55 15.48 2.66
C ILE C 299 -47.61 16.02 1.21
N LYS C 300 -47.07 17.23 1.00
CA LYS C 300 -46.98 17.89 -0.30
C LYS C 300 -45.53 18.33 -0.45
N VAL C 301 -44.68 17.41 -0.91
CA VAL C 301 -43.25 17.62 -1.11
C VAL C 301 -42.98 18.81 -2.03
N ASP C 302 -42.06 19.71 -1.61
CA ASP C 302 -41.72 20.90 -2.36
C ASP C 302 -41.00 20.62 -3.67
N LYS C 303 -40.05 19.64 -3.68
CA LYS C 303 -39.25 19.27 -4.85
C LYS C 303 -38.13 20.29 -5.13
N ASN C 304 -38.31 21.55 -4.70
CA ASN C 304 -37.31 22.60 -4.85
C ASN C 304 -36.44 22.68 -3.61
N GLU C 305 -36.87 22.04 -2.51
CA GLU C 305 -36.15 22.01 -1.23
C GLU C 305 -35.87 20.59 -0.76
N ILE C 306 -36.80 19.66 -1.02
CA ILE C 306 -36.71 18.26 -0.61
C ILE C 306 -37.18 17.38 -1.76
N GLU C 307 -36.47 16.28 -2.05
CA GLU C 307 -36.88 15.38 -3.13
C GLU C 307 -37.99 14.42 -2.69
N ASP C 308 -37.97 13.95 -1.43
CA ASP C 308 -38.98 13.04 -0.90
C ASP C 308 -39.08 13.11 0.62
N ALA C 309 -40.30 13.00 1.13
CA ALA C 309 -40.61 12.98 2.55
C ALA C 309 -41.67 11.91 2.78
N ARG C 310 -41.55 11.19 3.89
CA ARG C 310 -42.48 10.10 4.22
C ARG C 310 -42.67 9.92 5.71
N TRP C 311 -43.78 9.27 6.09
CA TRP C 311 -44.07 8.93 7.48
C TRP C 311 -43.53 7.51 7.68
N PHE C 312 -42.65 7.34 8.67
CA PHE C 312 -42.05 6.05 8.98
C PHE C 312 -42.53 5.60 10.34
N THR C 313 -43.08 4.38 10.42
CA THR C 313 -43.58 3.81 11.67
C THR C 313 -42.44 3.55 12.63
N ARG C 314 -42.73 3.49 13.94
CA ARG C 314 -41.71 3.22 14.95
C ARG C 314 -41.02 1.86 14.72
N GLU C 315 -41.76 0.88 14.15
CA GLU C 315 -41.20 -0.43 13.82
C GLU C 315 -40.16 -0.27 12.71
N GLN C 316 -40.50 0.48 11.63
CA GLN C 316 -39.59 0.75 10.52
C GLN C 316 -38.29 1.39 11.02
N VAL C 317 -38.42 2.32 11.98
CA VAL C 317 -37.29 3.04 12.58
C VAL C 317 -36.48 2.11 13.49
N LEU C 318 -37.16 1.35 14.38
CA LEU C 318 -36.50 0.39 15.29
C LEU C 318 -35.67 -0.61 14.50
N ASP C 319 -36.15 -1.02 13.31
CA ASP C 319 -35.43 -1.94 12.43
C ASP C 319 -34.12 -1.32 11.97
N VAL C 320 -34.14 -0.03 11.61
CA VAL C 320 -32.97 0.70 11.12
C VAL C 320 -31.94 0.93 12.24
N LEU C 321 -32.41 1.38 13.42
CA LEU C 321 -31.53 1.66 14.55
C LEU C 321 -30.85 0.40 15.12
N THR C 322 -31.41 -0.79 14.82
CA THR C 322 -30.82 -2.05 15.25
C THR C 322 -30.09 -2.64 14.05
N LYS C 323 -30.77 -3.50 13.25
CA LYS C 323 -30.19 -4.13 12.06
C LYS C 323 -31.31 -4.66 11.17
N GLY C 324 -31.81 -3.79 10.29
CA GLY C 324 -32.89 -4.09 9.36
C GLY C 324 -32.49 -5.10 8.30
N GLN C 327 -33.39 -3.32 5.58
CA GLN C 327 -34.41 -2.31 5.36
C GLN C 327 -34.18 -1.54 4.06
N ALA C 328 -35.25 -0.92 3.52
CA ALA C 328 -35.19 -0.14 2.29
C ALA C 328 -34.70 1.30 2.51
N PHE C 329 -34.35 1.65 3.76
CA PHE C 329 -33.84 2.98 4.09
C PHE C 329 -32.91 2.93 5.29
N PHE C 330 -32.15 4.01 5.48
CA PHE C 330 -31.23 4.13 6.61
C PHE C 330 -31.11 5.57 7.03
N VAL C 331 -30.74 5.78 8.29
CA VAL C 331 -30.63 7.10 8.89
C VAL C 331 -29.16 7.53 9.05
N PRO C 332 -28.89 8.80 9.47
CA PRO C 332 -27.49 9.22 9.65
C PRO C 332 -26.76 8.49 10.77
N PRO C 333 -25.41 8.62 10.84
CA PRO C 333 -24.66 7.95 11.93
C PRO C 333 -25.01 8.52 13.30
N SER C 334 -24.63 7.78 14.35
CA SER C 334 -24.87 8.14 15.75
C SER C 334 -24.18 9.44 16.16
N ARG C 335 -23.13 9.86 15.41
CA ARG C 335 -22.40 11.09 15.69
C ARG C 335 -23.03 12.34 15.02
N ALA C 336 -24.25 12.18 14.45
CA ALA C 336 -25.03 13.27 13.87
C ALA C 336 -26.26 13.44 14.73
N ILE C 337 -26.62 14.70 15.04
CA ILE C 337 -27.77 15.04 15.89
C ILE C 337 -29.06 14.37 15.43
N ALA C 338 -29.33 14.34 14.10
CA ALA C 338 -30.53 13.73 13.52
C ALA C 338 -30.79 12.34 14.11
N HIS C 339 -29.73 11.51 14.19
CA HIS C 339 -29.79 10.17 14.75
C HIS C 339 -30.19 10.17 16.22
N GLN C 340 -29.69 11.14 17.01
CA GLN C 340 -29.99 11.24 18.43
C GLN C 340 -31.44 11.61 18.73
N LEU C 341 -32.05 12.44 17.86
CA LEU C 341 -33.45 12.84 18.00
C LEU C 341 -34.33 11.65 17.65
N ILE C 342 -33.91 10.85 16.65
CA ILE C 342 -34.62 9.63 16.24
C ILE C 342 -34.61 8.64 17.41
N LYS C 343 -33.43 8.49 18.07
CA LYS C 343 -33.27 7.63 19.24
C LYS C 343 -34.12 8.13 20.39
N HIS C 344 -34.15 9.47 20.59
CA HIS C 344 -34.92 10.14 21.64
C HIS C 344 -36.40 9.78 21.62
N TRP C 345 -37.03 9.86 20.44
CA TRP C 345 -38.46 9.54 20.27
C TRP C 345 -38.78 8.10 20.64
N ILE C 346 -37.90 7.15 20.29
CA ILE C 346 -38.07 5.74 20.60
C ILE C 346 -38.02 5.49 22.11
N ARG C 347 -37.10 6.20 22.81
CA ARG C 347 -36.98 6.08 24.26
C ARG C 347 -38.17 6.72 24.93
N ILE C 348 -38.55 7.96 24.51
CA ILE C 348 -39.69 8.71 25.04
C ILE C 348 -41.05 8.03 24.80
N ASN C 349 -41.11 7.05 23.87
CA ASN C 349 -42.34 6.32 23.55
C ASN C 349 -42.78 5.40 24.71
CD CD D . 5.03 -6.18 -28.22
CD CD E . 17.83 1.15 0.97
CD CD F . 19.00 -0.73 -3.17
CD CD G . -6.35 15.17 -0.76
PA MGP H . 14.69 2.16 -1.54
PA MGP H . 9.19 0.93 1.72
O1A MGP H . 14.61 1.50 -2.91
O1A MGP H . 7.88 1.69 1.78
O2A MGP H . 16.05 2.05 -0.98
O2A MGP H . 9.01 -0.45 1.23
O3A MGP H . 13.65 1.39 -0.61
O3A MGP H . 9.77 0.86 3.21
O5' MGP H . 14.30 3.74 -1.74
O5' MGP H . 10.19 1.77 0.72
PB MGP H . 13.83 -0.06 0.04
PB MGP H . 10.72 -0.21 3.90
O1B MGP H . 14.70 -0.86 -0.91
O1B MGP H . 10.98 -1.30 2.88
O2B MGP H . 14.35 0.04 1.42
O2B MGP H . 11.96 0.36 4.47
O3B MGP H . 12.35 -0.67 -0.01
O3B MGP H . 9.79 -0.81 5.05
PC MGP H . 11.01 -0.41 0.82
PC MGP H . 10.01 -0.69 6.63
O1C MGP H . 10.10 0.34 -0.15
O1C MGP H . 9.27 0.56 7.05
O2C MGP H . 11.31 0.35 2.05
O2C MGP H . 11.46 -0.63 6.96
O3C MGP H . 10.32 -1.75 1.15
O3C MGP H . 9.28 -1.85 7.30
C5' MGP H . 13.82 4.23 -3.02
C5' MGP H . 10.53 1.33 -0.61
C4' MGP H . 12.32 4.23 -3.01
C4' MGP H . 10.58 2.55 -1.49
O4' MGP H . 11.80 4.08 -4.34
O4' MGP H . 11.37 2.27 -2.67
C3' MGP H . 11.65 3.13 -2.22
C3' MGP H . 9.24 3.07 -2.02
O3' MGP H . 11.74 3.38 -0.83
O3' MGP H . 8.60 3.88 -1.05
C2' MGP H . 10.24 3.14 -2.79
C2' MGP H . 9.67 3.83 -3.28
O2' MGP H . 9.44 4.16 -2.18
O2' MGP H . 10.16 5.13 -2.98
C1' MGP H . 10.50 3.49 -4.27
C1' MGP H . 10.84 2.96 -3.79
N9 MGP H . 10.45 2.30 -5.16
N9 MGP H . 10.49 1.96 -4.83
C8 MGP H . 9.32 1.75 -5.61
C8 MGP H . 9.29 1.59 -5.27
N7 MGP H . 9.58 0.68 -6.30
N7 MGP H . 9.42 0.64 -6.18
CM7 MGP H . 8.59 -0.22 -6.88
CM7 MGP H . 8.31 0.01 -6.88
C5 MGP H . 11.00 0.52 -6.36
C5 MGP H . 10.80 0.37 -6.36
C6 MGP H . 11.86 -0.46 -6.95
C6 MGP H . 11.53 -0.55 -7.18
O6 MGP H . 11.58 -1.46 -7.62
O6 MGP H . 11.11 -1.38 -7.97
N1 MGP H . 13.19 -0.14 -6.68
N1 MGP H . 12.90 -0.43 -6.93
C2 MGP H . 13.62 0.93 -5.96
C2 MGP H . 13.47 0.44 -6.04
N2 MGP H . 14.94 1.08 -5.79
N2 MGP H . 14.80 0.41 -5.93
N3 MGP H . 12.80 1.81 -5.40
N3 MGP H . 12.77 1.30 -5.29
C4 MGP H . 11.50 1.56 -5.63
C4 MGP H . 11.44 1.21 -5.49
CD CD I . 7.65 6.58 -20.54
CD CD J . 1.99 -24.60 -12.14
CD CD K . 22.23 -23.05 -31.39
PA MGP L . 4.00 -22.29 -14.72
PA MGP L . 10.25 -23.69 -13.98
O1A MGP L . 3.87 -20.78 -14.68
O1A MGP L . 11.36 -23.87 -15.00
O2A MGP L . 2.88 -22.94 -14.03
O2A MGP L . 10.54 -22.62 -13.01
O3A MGP L . 5.36 -22.64 -14.00
O3A MGP L . 10.10 -25.07 -13.19
O5' MGP L . 4.00 -22.72 -16.32
O5' MGP L . 8.89 -23.36 -14.83
PB MGP L . 5.62 -22.63 -12.43
PB MGP L . 9.59 -25.35 -11.71
O1B MGP L . 4.65 -21.60 -11.86
O1B MGP L . 9.23 -24.01 -11.09
O2B MGP L . 5.51 -23.98 -11.85
O2B MGP L . 8.49 -26.34 -11.64
O3B MGP L . 7.09 -22.03 -12.30
O3B MGP L . 10.89 -25.90 -10.98
PC MGP L . 8.54 -22.62 -12.61
PC MGP L . 11.13 -27.34 -10.37
O1C MGP L . 8.98 -21.94 -13.90
O1C MGP L . 11.74 -28.18 -11.46
O2C MGP L . 8.46 -24.11 -12.73
O2C MGP L . 9.83 -27.92 -9.89
O3C MGP L . 9.54 -22.19 -11.52
O3C MGP L . 12.21 -27.25 -9.28
C5' MGP L . 4.02 -21.72 -17.36
C5' MGP L . 8.28 -22.05 -14.86
C4' MGP L . 5.45 -21.51 -17.79
C4' MGP L . 7.77 -21.81 -16.26
O4' MGP L . 5.63 -20.20 -18.35
O4' MGP L . 6.76 -20.78 -16.24
C3' MGP L . 6.50 -21.60 -16.71
C3' MGP L . 8.79 -21.36 -17.29
O3' MGP L . 6.72 -22.96 -16.36
O3' MGP L . 9.51 -22.48 -17.81
C2' MGP L . 7.68 -20.89 -17.35
C2' MGP L . 7.92 -20.65 -18.33
O2' MGP L . 8.37 -21.77 -18.25
O2' MGP L . 7.29 -21.56 -19.22
C1' MGP L . 6.98 -19.79 -18.16
C1' MGP L . 6.84 -20.02 -17.44
N9 MGP L . 7.00 -18.46 -17.49
N9 MGP L . 7.06 -18.59 -17.07
C8 MGP L . 8.04 -17.63 -17.52
C8 MGP L . 8.14 -17.83 -17.27
N7 MGP L . 7.77 -16.57 -16.79
N7 MGP L . 7.92 -16.63 -16.74
CM7 MGP L . 8.72 -15.48 -16.53
CM7 MGP L . 8.92 -15.55 -16.79
C5 MGP L . 6.48 -16.68 -16.27
C5 MGP L . 6.68 -16.56 -16.20
C6 MGP L . 5.65 -15.84 -15.43
C6 MGP L . 5.90 -15.57 -15.50
O6 MGP L . 5.91 -14.76 -14.92
O6 MGP L . 6.23 -14.42 -15.22
N1 MGP L . 4.41 -16.46 -15.23
N1 MGP L . 4.67 -16.07 -15.13
C2 MGP L . 4.02 -17.66 -15.74
C2 MGP L . 4.21 -17.34 -15.38
N2 MGP L . 2.78 -18.08 -15.44
N2 MGP L . 2.97 -17.63 -14.94
N3 MGP L . 4.80 -18.42 -16.50
N3 MGP L . 4.91 -18.26 -16.02
C4 MGP L . 6.01 -17.88 -16.73
C4 MGP L . 6.13 -17.83 -16.40
CD CD M . -14.82 49.46 6.78
CD CD N . -33.58 22.40 3.86
PA MGP O . -29.90 23.86 3.16
PA MGP O . -26.08 20.17 6.99
O1A MGP O . -29.55 25.32 3.42
O1A MGP O . -24.70 19.56 6.76
O2A MGP O . -31.35 23.68 2.97
O2A MGP O . -26.10 21.07 8.15
O3A MGP O . -29.42 23.06 4.46
O3A MGP O . -27.09 18.97 7.24
O5' MGP O . -29.08 23.39 1.82
O5' MGP O . -26.47 20.98 5.61
PB MGP O . -30.15 22.98 5.87
PB MGP O . -28.43 18.91 8.10
O1B MGP O . -30.89 24.31 6.03
O1B MGP O . -28.64 20.30 8.68
O2B MGP O . -31.00 21.78 5.99
O2B MGP O . -29.60 18.40 7.34
O3B MGP O . -28.94 22.97 6.91
O3B MGP O . -28.05 17.92 9.28
PC MGP O . -27.85 21.87 7.32
PC MGP O . -28.70 16.49 9.59
O1C MGP O . -26.56 22.34 6.66
O1C MGP O . -27.89 15.47 8.84
O2C MGP O . -28.30 20.53 6.87
O2C MGP O . -30.12 16.46 9.15
O3C MGP O . -27.61 21.91 8.84
O3C MGP O . -28.49 16.13 11.06
C5' MGP O . -28.13 24.27 1.16
C5' MGP O . -26.52 22.42 5.53
C4' MGP O . -26.75 23.95 1.65
C4' MGP O . -26.00 22.82 4.17
O4' MGP O . -25.90 25.10 1.58
O4' MGP O . -26.43 24.16 3.85
C3' MGP O . -26.64 23.48 3.09
C3' MGP O . -24.48 22.84 3.99
O3' MGP O . -27.06 22.12 3.19
O3' MGP O . -23.99 21.53 3.73
C2' MGP O . -25.16 23.71 3.38
C2' MGP O . -24.32 23.82 2.81
O2' MGP O . -24.34 22.63 2.93
O2' MGP O . -24.54 23.17 1.56
C1' MGP O . -24.87 24.99 2.56
C1' MGP O . -25.46 24.81 3.07
N9 MGP O . -24.83 26.22 3.38
N9 MGP O . -25.06 26.06 3.77
C8 MGP O . -23.79 26.59 4.12
C8 MGP O . -23.90 26.37 4.37
N7 MGP O . -24.08 27.69 4.77
N7 MGP O . -23.98 27.58 4.91
CM7 MGP O . -23.18 28.36 5.72
CM7 MGP O . -22.89 28.22 5.63
C5 MGP O . -25.40 28.09 4.45
C5 MGP O . -25.25 28.10 4.67
C6 MGP O . -26.23 29.18 4.84
C6 MGP O . -25.91 29.32 5.02
O6 MGP O . -26.00 30.10 5.62
O6 MGP O . -25.47 30.27 5.66
N1 MGP O . -27.47 29.09 4.21
N1 MGP O . -27.21 29.33 4.54
C2 MGP O . -27.83 28.10 3.32
C2 MGP O . -27.81 28.32 3.82
N2 MGP O . -29.06 28.18 2.79
N2 MGP O . -29.08 28.51 3.45
N3 MGP O . -27.04 27.09 2.97
N3 MGP O . -27.19 27.19 3.52
C4 MGP O . -25.84 27.13 3.56
C4 MGP O . -25.92 27.12 3.96
#